data_8PLD
#
_entry.id   8PLD
#
_cell.length_a   62.110
_cell.length_b   103.200
_cell.length_c   133.970
_cell.angle_alpha   90.000
_cell.angle_beta   91.850
_cell.angle_gamma   90.000
#
_symmetry.space_group_name_H-M   'P 1 21 1'
#
loop_
_entity.id
_entity.type
_entity.pdbx_description
1 polymer 'Thioredoxin glutathione reductase'
2 non-polymer 'FLAVIN-ADENINE DINUCLEOTIDE'
3 non-polymer N-Benzyl-2-methoxyacetamide
4 water water
#
_entity_poly.entity_id   1
_entity_poly.type   'polypeptide(L)'
_entity_poly.pdbx_seq_one_letter_code
;GPPPADGTSQWLRKTVDSAAVILFSKTTCPYCKKVKDVLAEAKIKHATIELDQLSNGSAIQKCLASFSKIETVPQMFVRG
KFIGDSQTVLKYYSNDELAGIVNESKYDYDLIVIGGGSGGLAAGKEAAKYGAKTAVLDYVEPTPIGTTWGLGGTCVNVGC
IPKKLMHQAGLLSHALEDAEHFGWSLDRSKISHNWSTMVEGVQSHIGSLNWGYKVALRDNQVTYLNAKGRLISPHEVQIT
DKNQKVSTITGNKIILATGERPKYPEIPGAVEYGITSDDLFSLPYFPGKTLVIGASYVALECAGFLASLGGDVTVMVRSI
LLRGFDQQMAEKVGDYMENHGVKFAKLCVPDEIKQLKVVDTENNKPGLLLVKGHYTDGKKFEEEFETVIFAVGREPQLSK
VLCETVGVKLDKNGRVVCTDDEQTTVSNVYAIGDINAGKPQLTPVAIQAGRYLARRLFAGATELTDYSNVATTVFTPLEY
GACGLSEEDAIEKYGDKDIEVYHSNFKPLEWTVAHREDNVCYMKLVCRKSDNMRVLGLHVLGPNAGEITQGYAVAIKMGA
TKADFDRTIGIHPTCSETFTTLHVTKKSGVSPIVSGC
;
_entity_poly.pdbx_strand_id   A,B
#
loop_
_chem_comp.id
_chem_comp.type
_chem_comp.name
_chem_comp.formula
FAD non-polymer 'FLAVIN-ADENINE DINUCLEOTIDE' 'C27 H33 N9 O15 P2'
T9Q non-polymer N-Benzyl-2-methoxyacetamide 'C10 H13 N O2'
#
# COMPACT_ATOMS: atom_id res chain seq x y z
N GLY A 7 -13.87 -20.92 -34.79
CA GLY A 7 -13.20 -20.04 -33.86
C GLY A 7 -13.68 -18.61 -33.99
N THR A 8 -13.13 -17.90 -34.97
CA THR A 8 -13.59 -16.54 -35.26
C THR A 8 -15.07 -16.54 -35.65
N SER A 9 -15.50 -17.51 -36.45
CA SER A 9 -16.89 -17.54 -36.89
C SER A 9 -17.86 -17.86 -35.74
N GLN A 10 -17.46 -18.68 -34.77
CA GLN A 10 -18.33 -18.89 -33.61
C GLN A 10 -18.39 -17.64 -32.72
N TRP A 11 -17.30 -16.89 -32.61
CA TRP A 11 -17.35 -15.64 -31.86
C TRP A 11 -18.26 -14.63 -32.55
N LEU A 12 -18.16 -14.52 -33.88
CA LEU A 12 -18.93 -13.49 -34.56
C LEU A 12 -20.42 -13.79 -34.45
N ARG A 13 -20.81 -15.07 -34.56
CA ARG A 13 -22.22 -15.42 -34.43
C ARG A 13 -22.74 -15.13 -33.03
N LYS A 14 -21.97 -15.46 -31.99
CA LYS A 14 -22.41 -15.16 -30.63
C LYS A 14 -22.55 -13.65 -30.43
N THR A 15 -21.61 -12.88 -30.97
CA THR A 15 -21.62 -11.42 -30.82
C THR A 15 -22.82 -10.79 -31.54
N VAL A 16 -23.11 -11.23 -32.77
CA VAL A 16 -24.21 -10.63 -33.52
C VAL A 16 -25.55 -11.02 -32.91
N ASP A 17 -25.70 -12.28 -32.49
CA ASP A 17 -26.97 -12.73 -31.91
C ASP A 17 -27.31 -11.99 -30.60
N SER A 18 -26.29 -11.61 -29.82
CA SER A 18 -26.47 -11.10 -28.46
C SER A 18 -26.52 -9.57 -28.39
N ALA A 19 -25.76 -8.88 -29.24
CA ALA A 19 -25.71 -7.43 -29.18
C ALA A 19 -27.06 -6.81 -29.46
N ALA A 20 -27.37 -5.72 -28.74
CA ALA A 20 -28.61 -4.98 -28.98
C ALA A 20 -28.51 -4.12 -30.24
N VAL A 21 -27.49 -3.27 -30.31
CA VAL A 21 -27.18 -2.44 -31.47
C VAL A 21 -25.66 -2.40 -31.62
N ILE A 22 -25.15 -2.79 -32.78
CA ILE A 22 -23.70 -2.88 -32.97
C ILE A 22 -23.33 -2.47 -34.39
N LEU A 23 -22.24 -1.71 -34.50
CA LEU A 23 -21.72 -1.23 -35.77
C LEU A 23 -20.34 -1.85 -35.98
N PHE A 24 -20.13 -2.46 -37.14
CA PHE A 24 -18.82 -2.95 -37.54
C PHE A 24 -18.19 -1.91 -38.46
N SER A 25 -16.94 -1.53 -38.15
CA SER A 25 -16.41 -0.25 -38.59
C SER A 25 -14.89 -0.36 -38.82
N LYS A 26 -14.33 0.68 -39.45
CA LYS A 26 -12.90 0.96 -39.45
C LYS A 26 -12.67 2.44 -39.16
N THR A 27 -11.59 2.74 -38.44
CA THR A 27 -11.34 4.10 -37.96
C THR A 27 -11.04 5.08 -39.09
N THR A 28 -10.60 4.58 -40.24
CA THR A 28 -10.19 5.41 -41.37
C THR A 28 -11.28 5.63 -42.40
N CYS A 29 -12.46 5.03 -42.21
CA CYS A 29 -13.48 5.02 -43.25
C CYS A 29 -14.44 6.20 -43.07
N PRO A 30 -14.52 7.14 -44.02
CA PRO A 30 -15.46 8.25 -43.86
C PRO A 30 -16.92 7.84 -43.99
N TYR A 31 -17.22 6.70 -44.60
CA TYR A 31 -18.59 6.22 -44.60
C TYR A 31 -18.99 5.75 -43.20
N CYS A 32 -18.10 5.02 -42.52
CA CYS A 32 -18.37 4.65 -41.13
C CYS A 32 -18.58 5.88 -40.25
N LYS A 33 -17.74 6.92 -40.43
CA LYS A 33 -17.89 8.12 -39.62
C LYS A 33 -19.24 8.77 -39.85
N LYS A 34 -19.75 8.75 -41.08
CA LYS A 34 -21.05 9.36 -41.34
C LYS A 34 -22.16 8.61 -40.64
N VAL A 35 -22.04 7.28 -40.55
CA VAL A 35 -23.06 6.49 -39.84
C VAL A 35 -22.98 6.75 -38.34
N LYS A 36 -21.76 6.82 -37.79
CA LYS A 36 -21.60 7.16 -36.37
C LYS A 36 -22.23 8.51 -36.05
N ASP A 37 -22.07 9.49 -36.94
CA ASP A 37 -22.62 10.82 -36.71
C ASP A 37 -24.15 10.82 -36.72
N VAL A 38 -24.75 10.03 -37.62
CA VAL A 38 -26.22 9.96 -37.66
C VAL A 38 -26.76 9.31 -36.38
N LEU A 39 -26.13 8.22 -35.94
CA LEU A 39 -26.60 7.54 -34.72
C LEU A 39 -26.49 8.45 -33.50
N ALA A 40 -25.39 9.19 -33.37
CA ALA A 40 -25.24 10.12 -32.24
C ALA A 40 -26.30 11.21 -32.26
N GLU A 41 -26.58 11.76 -33.45
CA GLU A 41 -27.59 12.83 -33.54
C GLU A 41 -28.99 12.31 -33.21
N ALA A 42 -29.27 11.05 -33.54
CA ALA A 42 -30.55 10.46 -33.18
C ALA A 42 -30.56 9.89 -31.76
N LYS A 43 -29.47 10.05 -31.01
CA LYS A 43 -29.37 9.58 -29.63
C LYS A 43 -29.55 8.06 -29.55
N ILE A 44 -29.01 7.34 -30.54
CA ILE A 44 -29.03 5.88 -30.58
C ILE A 44 -27.69 5.38 -30.05
N LYS A 45 -27.70 4.73 -28.88
CA LYS A 45 -26.47 4.17 -28.32
C LYS A 45 -26.19 2.78 -28.89
N HIS A 46 -24.91 2.46 -29.05
CA HIS A 46 -24.51 1.23 -29.71
C HIS A 46 -23.08 0.87 -29.34
N ALA A 47 -22.76 -0.41 -29.49
CA ALA A 47 -21.37 -0.86 -29.48
C ALA A 47 -20.72 -0.66 -30.84
N THR A 48 -19.39 -0.60 -30.86
CA THR A 48 -18.63 -0.44 -32.09
C THR A 48 -17.41 -1.34 -32.06
N ILE A 49 -17.19 -2.08 -33.15
CA ILE A 49 -16.00 -2.91 -33.30
C ILE A 49 -15.22 -2.37 -34.50
N GLU A 50 -13.97 -1.95 -34.26
CA GLU A 50 -13.11 -1.35 -35.27
C GLU A 50 -12.20 -2.43 -35.87
N LEU A 51 -12.58 -2.93 -37.04
CA LEU A 51 -11.94 -4.12 -37.60
C LEU A 51 -10.46 -3.90 -37.87
N ASP A 52 -10.04 -2.66 -38.17
CA ASP A 52 -8.64 -2.37 -38.44
C ASP A 52 -7.78 -2.38 -37.19
N GLN A 53 -8.35 -2.65 -36.01
CA GLN A 53 -7.63 -2.67 -34.75
C GLN A 53 -7.57 -4.06 -34.15
N LEU A 54 -8.07 -5.08 -34.85
CA LEU A 54 -8.05 -6.46 -34.38
C LEU A 54 -7.12 -7.27 -35.27
N SER A 55 -6.40 -8.22 -34.64
CA SER A 55 -5.43 -9.02 -35.36
C SER A 55 -6.08 -9.78 -36.53
N ASN A 56 -7.24 -10.39 -36.29
CA ASN A 56 -7.93 -11.12 -37.35
C ASN A 56 -9.11 -10.34 -37.92
N GLY A 57 -8.93 -9.03 -38.19
CA GLY A 57 -10.00 -8.23 -38.74
C GLY A 57 -10.42 -8.65 -40.15
N SER A 58 -9.47 -9.19 -40.94
CA SER A 58 -9.79 -9.63 -42.30
C SER A 58 -10.71 -10.83 -42.28
N ALA A 59 -10.45 -11.80 -41.40
CA ALA A 59 -11.33 -12.96 -41.30
C ALA A 59 -12.72 -12.55 -40.82
N ILE A 60 -12.78 -11.62 -39.86
CA ILE A 60 -14.08 -11.18 -39.35
C ILE A 60 -14.90 -10.56 -40.47
N GLN A 61 -14.28 -9.66 -41.24
CA GLN A 61 -14.95 -9.05 -42.39
C GLN A 61 -15.54 -10.09 -43.33
N LYS A 62 -14.83 -11.20 -43.53
CA LYS A 62 -15.34 -12.23 -44.44
C LYS A 62 -16.50 -13.00 -43.83
N CYS A 63 -16.44 -13.30 -42.51
CA CYS A 63 -17.57 -14.02 -41.90
C CYS A 63 -18.83 -13.17 -41.83
N LEU A 64 -18.72 -11.84 -41.81
CA LEU A 64 -19.91 -11.00 -41.83
C LEU A 64 -20.85 -11.33 -42.98
N ALA A 65 -20.30 -11.78 -44.11
CA ALA A 65 -21.15 -12.06 -45.27
C ALA A 65 -22.15 -13.18 -44.98
N SER A 66 -21.82 -14.09 -44.05
CA SER A 66 -22.78 -15.14 -43.71
C SER A 66 -24.05 -14.60 -43.07
N PHE A 67 -24.03 -13.35 -42.63
CA PHE A 67 -25.22 -12.68 -42.09
C PHE A 67 -25.82 -11.64 -43.03
N SER A 68 -24.99 -10.87 -43.73
CA SER A 68 -25.44 -9.72 -44.49
C SER A 68 -25.34 -9.89 -46.00
N LYS A 69 -24.59 -10.91 -46.46
CA LYS A 69 -24.22 -11.11 -47.84
C LYS A 69 -23.29 -10.01 -48.38
N ILE A 70 -22.68 -9.20 -47.51
CA ILE A 70 -21.64 -8.28 -47.96
C ILE A 70 -20.41 -8.39 -47.06
N GLU A 71 -19.29 -7.85 -47.55
CA GLU A 71 -17.99 -7.92 -46.90
C GLU A 71 -17.36 -6.55 -46.65
N THR A 72 -18.10 -5.45 -46.82
CA THR A 72 -17.57 -4.12 -46.63
C THR A 72 -17.96 -3.57 -45.25
N VAL A 73 -17.37 -2.42 -44.90
CA VAL A 73 -17.79 -1.67 -43.72
C VAL A 73 -18.36 -0.34 -44.20
N PRO A 74 -19.30 0.28 -43.47
CA PRO A 74 -19.92 -0.16 -42.21
C PRO A 74 -20.99 -1.21 -42.39
N GLN A 75 -21.29 -1.97 -41.33
CA GLN A 75 -22.45 -2.84 -41.27
C GLN A 75 -23.10 -2.66 -39.90
N MET A 76 -24.41 -2.38 -39.90
CA MET A 76 -25.15 -2.17 -38.66
C MET A 76 -26.11 -3.33 -38.42
N PHE A 77 -26.12 -3.84 -37.18
CA PHE A 77 -27.02 -4.91 -36.76
C PHE A 77 -27.87 -4.46 -35.58
N VAL A 78 -29.07 -5.04 -35.47
CA VAL A 78 -29.96 -4.79 -34.33
C VAL A 78 -30.55 -6.13 -33.91
N ARG A 79 -30.20 -6.57 -32.69
CA ARG A 79 -30.78 -7.77 -32.10
C ARG A 79 -30.70 -8.96 -33.07
N GLY A 80 -29.53 -9.14 -33.66
CA GLY A 80 -29.24 -10.28 -34.49
C GLY A 80 -29.58 -10.14 -35.96
N LYS A 81 -30.15 -9.00 -36.36
CA LYS A 81 -30.63 -8.78 -37.73
C LYS A 81 -29.77 -7.72 -38.41
N PHE A 82 -29.29 -8.02 -39.63
CA PHE A 82 -28.55 -7.03 -40.41
C PHE A 82 -29.49 -5.94 -40.86
N ILE A 83 -29.12 -4.69 -40.59
CA ILE A 83 -29.97 -3.55 -40.87
C ILE A 83 -29.56 -2.84 -42.15
N GLY A 84 -28.28 -2.60 -42.38
CA GLY A 84 -27.87 -2.06 -43.65
C GLY A 84 -26.45 -1.51 -43.65
N ASP A 85 -26.05 -1.05 -44.84
CA ASP A 85 -24.78 -0.36 -45.04
C ASP A 85 -25.04 1.14 -44.91
N SER A 86 -24.09 1.95 -45.39
CA SER A 86 -24.18 3.40 -45.20
C SER A 86 -25.40 3.99 -45.92
N GLN A 87 -25.59 3.64 -47.21
CA GLN A 87 -26.73 4.20 -47.96
C GLN A 87 -28.06 3.81 -47.33
N THR A 88 -28.16 2.57 -46.81
CA THR A 88 -29.42 2.08 -46.27
C THR A 88 -29.74 2.71 -44.91
N VAL A 89 -28.74 2.86 -44.04
CA VAL A 89 -28.99 3.50 -42.74
C VAL A 89 -29.46 4.94 -42.95
N LEU A 90 -28.84 5.66 -43.89
CA LEU A 90 -29.22 7.05 -44.14
C LEU A 90 -30.64 7.15 -44.70
N LYS A 91 -31.04 6.17 -45.54
CA LYS A 91 -32.41 6.13 -46.05
C LYS A 91 -33.41 6.04 -44.93
N TYR A 92 -33.21 5.08 -44.01
CA TYR A 92 -34.10 4.96 -42.86
C TYR A 92 -34.15 6.24 -42.03
N TYR A 93 -32.99 6.89 -41.85
CA TYR A 93 -32.93 8.11 -41.07
C TYR A 93 -33.70 9.24 -41.75
N SER A 94 -33.44 9.43 -43.05
CA SER A 94 -34.10 10.47 -43.81
C SER A 94 -35.61 10.26 -43.89
N ASN A 95 -36.07 9.00 -43.84
CA ASN A 95 -37.48 8.70 -43.96
C ASN A 95 -38.17 8.56 -42.60
N ASP A 96 -37.45 8.88 -41.52
CA ASP A 96 -37.99 8.81 -40.16
C ASP A 96 -38.41 7.37 -39.81
N GLU A 97 -37.65 6.40 -40.31
CA GLU A 97 -37.91 4.99 -40.07
C GLU A 97 -36.92 4.35 -39.09
N LEU A 98 -35.81 5.02 -38.82
CA LEU A 98 -34.70 4.43 -38.05
C LEU A 98 -35.09 4.17 -36.59
N ALA A 99 -35.77 5.13 -35.96
CA ALA A 99 -36.11 4.96 -34.54
C ALA A 99 -36.92 3.69 -34.31
N GLY A 100 -37.92 3.43 -35.17
CA GLY A 100 -38.74 2.24 -34.99
C GLY A 100 -37.97 0.95 -35.24
N ILE A 101 -37.03 0.98 -36.18
CA ILE A 101 -36.21 -0.20 -36.45
C ILE A 101 -35.36 -0.55 -35.22
N VAL A 102 -34.66 0.45 -34.65
CA VAL A 102 -33.72 0.15 -33.58
C VAL A 102 -34.46 -0.25 -32.30
N ASN A 103 -35.75 0.03 -32.21
CA ASN A 103 -36.52 -0.29 -31.01
C ASN A 103 -37.34 -1.56 -31.15
N GLU A 104 -37.30 -2.22 -32.31
CA GLU A 104 -38.03 -3.47 -32.51
C GLU A 104 -37.43 -4.60 -31.70
N SER A 105 -38.27 -5.30 -30.92
CA SER A 105 -37.78 -6.37 -30.07
C SER A 105 -38.90 -7.36 -29.74
N LYS A 106 -38.52 -8.64 -29.66
CA LYS A 106 -39.37 -9.70 -29.15
C LYS A 106 -39.72 -9.52 -27.67
N TYR A 107 -38.93 -8.75 -26.93
CA TYR A 107 -39.02 -8.67 -25.47
C TYR A 107 -39.15 -7.22 -25.03
N ASP A 108 -39.68 -7.01 -23.81
CA ASP A 108 -39.77 -5.66 -23.28
C ASP A 108 -38.38 -5.04 -23.11
N TYR A 109 -37.40 -5.85 -22.71
CA TYR A 109 -36.05 -5.38 -22.41
C TYR A 109 -35.01 -6.32 -22.99
N ASP A 110 -33.86 -5.75 -23.38
CA ASP A 110 -32.71 -6.57 -23.71
C ASP A 110 -32.12 -7.25 -22.47
N LEU A 111 -32.21 -6.58 -21.32
CA LEU A 111 -31.59 -7.07 -20.08
C LEU A 111 -32.50 -6.72 -18.92
N ILE A 112 -32.79 -7.70 -18.07
CA ILE A 112 -33.43 -7.45 -16.78
C ILE A 112 -32.44 -7.89 -15.71
N VAL A 113 -32.04 -6.96 -14.84
CA VAL A 113 -31.22 -7.26 -13.65
C VAL A 113 -32.12 -7.38 -12.44
N ILE A 114 -32.09 -8.52 -11.75
CA ILE A 114 -32.85 -8.69 -10.51
C ILE A 114 -31.90 -8.46 -9.35
N GLY A 115 -32.05 -7.31 -8.67
CA GLY A 115 -31.19 -6.92 -7.57
C GLY A 115 -30.36 -5.69 -7.87
N GLY A 116 -30.58 -4.63 -7.09
CA GLY A 116 -29.90 -3.35 -7.31
C GLY A 116 -28.79 -3.06 -6.31
N GLY A 117 -27.85 -4.01 -6.20
CA GLY A 117 -26.69 -3.85 -5.33
C GLY A 117 -25.37 -3.65 -6.06
N SER A 118 -24.27 -4.05 -5.41
CA SER A 118 -22.94 -3.82 -5.97
C SER A 118 -22.82 -4.37 -7.39
N GLY A 119 -23.19 -5.65 -7.58
CA GLY A 119 -23.05 -6.26 -8.89
C GLY A 119 -24.10 -5.80 -9.91
N GLY A 120 -25.36 -5.79 -9.48
CA GLY A 120 -26.46 -5.49 -10.39
C GLY A 120 -26.42 -4.07 -10.93
N LEU A 121 -26.13 -3.09 -10.06
CA LEU A 121 -26.02 -1.72 -10.56
C LEU A 121 -24.89 -1.58 -11.55
N ALA A 122 -23.74 -2.22 -11.29
CA ALA A 122 -22.60 -2.14 -12.20
C ALA A 122 -22.94 -2.77 -13.55
N ALA A 123 -23.54 -3.97 -13.52
CA ALA A 123 -23.92 -4.65 -14.76
C ALA A 123 -24.91 -3.82 -15.56
N GLY A 124 -25.93 -3.27 -14.90
CA GLY A 124 -26.98 -2.56 -15.62
C GLY A 124 -26.47 -1.30 -16.29
N LYS A 125 -25.64 -0.52 -15.59
CA LYS A 125 -25.12 0.71 -16.17
C LYS A 125 -24.20 0.42 -17.34
N GLU A 126 -23.36 -0.61 -17.23
CA GLU A 126 -22.43 -0.94 -18.31
C GLU A 126 -23.20 -1.40 -19.56
N ALA A 127 -24.23 -2.24 -19.37
CA ALA A 127 -24.99 -2.72 -20.51
C ALA A 127 -25.66 -1.58 -21.25
N ALA A 128 -26.24 -0.64 -20.52
CA ALA A 128 -26.94 0.47 -21.14
C ALA A 128 -26.01 1.31 -22.01
N LYS A 129 -24.72 1.40 -21.67
CA LYS A 129 -23.79 2.14 -22.53
C LYS A 129 -23.67 1.56 -23.94
N TYR A 130 -24.04 0.30 -24.18
CA TYR A 130 -23.94 -0.26 -25.52
C TYR A 130 -25.28 -0.39 -26.22
N GLY A 131 -26.30 0.32 -25.72
CA GLY A 131 -27.60 0.31 -26.35
C GLY A 131 -28.56 -0.75 -25.88
N ALA A 132 -28.18 -1.55 -24.88
CA ALA A 132 -29.10 -2.53 -24.30
C ALA A 132 -30.21 -1.79 -23.56
N LYS A 133 -31.47 -2.07 -23.93
CA LYS A 133 -32.59 -1.51 -23.17
C LYS A 133 -32.71 -2.28 -21.86
N THR A 134 -32.48 -1.61 -20.73
CA THR A 134 -32.19 -2.28 -19.47
C THR A 134 -33.19 -1.86 -18.39
N ALA A 135 -33.58 -2.83 -17.55
CA ALA A 135 -34.33 -2.58 -16.33
C ALA A 135 -33.55 -3.14 -15.15
N VAL A 136 -33.46 -2.35 -14.07
CA VAL A 136 -32.91 -2.81 -12.78
C VAL A 136 -34.05 -2.85 -11.76
N LEU A 137 -34.26 -4.02 -11.17
CA LEU A 137 -35.25 -4.25 -10.13
C LEU A 137 -34.54 -4.24 -8.78
N ASP A 138 -35.09 -3.51 -7.80
CA ASP A 138 -34.55 -3.57 -6.43
C ASP A 138 -35.65 -3.39 -5.41
N TYR A 139 -35.59 -4.21 -4.35
CA TYR A 139 -36.53 -4.21 -3.24
C TYR A 139 -35.75 -4.66 -2.01
N VAL A 140 -36.06 -4.07 -0.86
CA VAL A 140 -35.39 -4.42 0.41
C VAL A 140 -36.45 -4.98 1.35
N GLU A 141 -36.44 -6.30 1.55
CA GLU A 141 -37.36 -6.91 2.53
C GLU A 141 -36.98 -6.45 3.93
N PRO A 142 -37.90 -5.85 4.68
CA PRO A 142 -37.53 -5.28 6.01
C PRO A 142 -37.06 -6.34 6.98
N THR A 143 -36.17 -5.93 7.91
CA THR A 143 -35.73 -6.83 8.98
C THR A 143 -36.90 -7.16 9.92
N PRO A 144 -36.75 -8.14 10.82
CA PRO A 144 -37.84 -8.43 11.78
C PRO A 144 -38.34 -7.25 12.59
N ILE A 145 -37.47 -6.30 12.99
CA ILE A 145 -37.97 -5.11 13.69
C ILE A 145 -38.42 -4.01 12.73
N GLY A 146 -38.29 -4.20 11.42
CA GLY A 146 -38.81 -3.25 10.46
C GLY A 146 -37.81 -2.36 9.75
N THR A 147 -36.51 -2.57 9.93
CA THR A 147 -35.52 -1.72 9.28
C THR A 147 -35.51 -1.94 7.78
N THR A 148 -35.43 -0.84 7.03
CA THR A 148 -35.27 -0.91 5.57
C THR A 148 -34.39 0.27 5.15
N TRP A 149 -34.06 0.34 3.85
CA TRP A 149 -33.09 1.32 3.34
C TRP A 149 -33.23 1.44 1.83
N GLY A 150 -32.42 2.31 1.23
CA GLY A 150 -32.57 2.70 -0.16
C GLY A 150 -31.72 1.91 -1.15
N LEU A 151 -31.69 2.41 -2.39
CA LEU A 151 -31.01 1.72 -3.48
C LEU A 151 -29.51 1.63 -3.24
N GLY A 152 -28.91 0.48 -3.64
CA GLY A 152 -27.46 0.35 -3.60
C GLY A 152 -26.89 -0.94 -3.03
N GLY A 153 -27.71 -1.73 -2.33
CA GLY A 153 -27.31 -3.05 -1.84
C GLY A 153 -26.70 -3.06 -0.44
N THR A 154 -26.11 -4.23 -0.10
CA THR A 154 -25.62 -4.47 1.25
C THR A 154 -24.42 -3.59 1.61
N CYS A 155 -23.40 -3.56 0.73
CA CYS A 155 -22.21 -2.75 1.02
C CYS A 155 -22.58 -1.29 1.31
N VAL A 156 -23.34 -0.68 0.41
CA VAL A 156 -23.64 0.76 0.52
C VAL A 156 -24.43 1.07 1.81
N ASN A 157 -25.44 0.26 2.14
CA ASN A 157 -26.42 0.59 3.19
C ASN A 157 -26.13 -0.04 4.55
N VAL A 158 -25.67 -1.29 4.57
CA VAL A 158 -25.55 -2.02 5.83
C VAL A 158 -24.28 -2.88 5.85
N GLY A 159 -23.23 -2.41 5.16
CA GLY A 159 -22.01 -3.20 4.98
C GLY A 159 -20.72 -2.38 4.94
N CYS A 160 -19.90 -2.52 3.87
CA CYS A 160 -18.55 -1.92 3.86
C CYS A 160 -18.57 -0.43 4.22
N ILE A 161 -19.54 0.32 3.71
CA ILE A 161 -19.51 1.78 3.84
C ILE A 161 -19.80 2.22 5.27
N PRO A 162 -20.94 1.87 5.91
CA PRO A 162 -21.12 2.29 7.31
C PRO A 162 -20.16 1.61 8.27
N LYS A 163 -19.75 0.36 8.03
CA LYS A 163 -18.86 -0.27 9.03
C LYS A 163 -17.47 0.37 9.03
N LYS A 164 -16.96 0.79 7.85
CA LYS A 164 -15.65 1.45 7.85
C LYS A 164 -15.73 2.87 8.42
N LEU A 165 -16.85 3.55 8.23
CA LEU A 165 -17.00 4.86 8.85
C LEU A 165 -17.04 4.74 10.38
N MET A 166 -17.69 3.69 10.90
CA MET A 166 -17.72 3.52 12.36
C MET A 166 -16.36 3.09 12.90
N HIS A 167 -15.68 2.22 12.14
CA HIS A 167 -14.28 1.88 12.41
C HIS A 167 -13.42 3.14 12.50
N GLN A 168 -13.62 4.09 11.58
CA GLN A 168 -12.85 5.33 11.63
C GLN A 168 -13.15 6.13 12.89
N ALA A 169 -14.43 6.21 13.28
CA ALA A 169 -14.75 6.86 14.55
C ALA A 169 -14.02 6.18 15.72
N GLY A 170 -13.92 4.85 15.67
CA GLY A 170 -13.17 4.13 16.69
C GLY A 170 -11.67 4.43 16.64
N LEU A 171 -11.08 4.42 15.45
CA LEU A 171 -9.66 4.74 15.30
C LEU A 171 -9.35 6.13 15.86
N LEU A 172 -10.28 7.08 15.74
CA LEU A 172 -10.03 8.43 16.25
C LEU A 172 -9.91 8.50 17.77
N SER A 173 -10.40 7.49 18.51
CA SER A 173 -10.18 7.50 19.96
C SER A 173 -8.70 7.39 20.30
N HIS A 174 -7.97 6.52 19.58
CA HIS A 174 -6.55 6.39 19.84
C HIS A 174 -5.77 7.57 19.27
N ALA A 175 -6.27 8.18 18.20
CA ALA A 175 -5.69 9.43 17.73
C ALA A 175 -5.80 10.52 18.79
N LEU A 176 -6.94 10.60 19.49
CA LEU A 176 -7.06 11.58 20.59
C LEU A 176 -6.07 11.28 21.71
N GLU A 177 -5.90 9.99 22.07
CA GLU A 177 -4.89 9.61 23.06
C GLU A 177 -3.48 9.97 22.58
N ASP A 178 -3.16 9.66 21.32
CA ASP A 178 -1.80 9.88 20.82
C ASP A 178 -1.45 11.36 20.75
N ALA A 179 -2.44 12.22 20.50
CA ALA A 179 -2.18 13.66 20.36
C ALA A 179 -1.52 14.25 21.61
N GLU A 180 -1.86 13.76 22.81
CA GLU A 180 -1.22 14.29 24.01
C GLU A 180 0.29 14.10 23.97
N HIS A 181 0.74 12.91 23.54
CA HIS A 181 2.17 12.62 23.53
C HIS A 181 2.90 13.43 22.47
N PHE A 182 2.21 13.82 21.40
CA PHE A 182 2.84 14.59 20.34
C PHE A 182 2.75 16.10 20.61
N GLY A 183 2.24 16.52 21.78
CA GLY A 183 2.30 17.92 22.19
C GLY A 183 0.98 18.67 22.27
N TRP A 184 -0.16 18.05 21.97
CA TRP A 184 -1.41 18.82 21.95
C TRP A 184 -2.04 18.87 23.35
N SER A 185 -2.79 19.93 23.62
CA SER A 185 -3.21 20.25 25.00
C SER A 185 -4.45 19.48 25.48
N LEU A 186 -5.09 18.65 24.66
CA LEU A 186 -6.34 18.04 25.09
C LEU A 186 -6.09 17.02 26.20
N ASP A 187 -7.17 16.63 26.87
CA ASP A 187 -7.17 15.62 27.93
C ASP A 187 -8.18 14.53 27.54
N ARG A 188 -7.66 13.43 26.99
CA ARG A 188 -8.51 12.35 26.47
C ARG A 188 -9.50 11.84 27.51
N SER A 189 -9.14 11.91 28.79
CA SER A 189 -9.97 11.36 29.86
C SER A 189 -11.33 12.06 29.97
N LYS A 190 -11.42 13.31 29.52
CA LYS A 190 -12.65 14.10 29.67
C LYS A 190 -13.47 14.18 28.39
N ILE A 191 -13.15 13.38 27.38
CA ILE A 191 -13.86 13.39 26.11
C ILE A 191 -14.70 12.13 26.02
N SER A 192 -15.96 12.28 25.59
CA SER A 192 -16.88 11.16 25.41
C SER A 192 -17.39 11.14 23.98
N HIS A 193 -18.11 10.07 23.63
CA HIS A 193 -18.64 9.88 22.28
C HIS A 193 -20.17 9.89 22.27
N ASN A 194 -20.77 10.50 21.23
CA ASN A 194 -22.22 10.61 21.06
C ASN A 194 -22.63 9.71 19.88
N TRP A 195 -23.27 8.58 20.18
CA TRP A 195 -23.62 7.60 19.15
C TRP A 195 -24.53 8.22 18.09
N SER A 196 -25.58 8.91 18.51
CA SER A 196 -26.56 9.37 17.54
C SER A 196 -25.98 10.43 16.60
N THR A 197 -25.05 11.26 17.08
CA THR A 197 -24.39 12.20 16.18
C THR A 197 -23.59 11.46 15.11
N MET A 198 -22.93 10.36 15.48
CA MET A 198 -22.18 9.64 14.46
C MET A 198 -23.11 8.94 13.47
N VAL A 199 -24.19 8.32 13.97
CA VAL A 199 -25.17 7.66 13.09
C VAL A 199 -25.78 8.68 12.11
N GLU A 200 -26.10 9.88 12.59
CA GLU A 200 -26.67 10.89 11.67
C GLU A 200 -25.71 11.21 10.52
N GLY A 201 -24.42 11.35 10.83
CA GLY A 201 -23.45 11.65 9.78
C GLY A 201 -23.26 10.49 8.82
N VAL A 202 -23.18 9.27 9.34
CA VAL A 202 -23.07 8.09 8.49
C VAL A 202 -24.29 7.99 7.57
N GLN A 203 -25.49 8.17 8.12
CA GLN A 203 -26.70 7.99 7.33
C GLN A 203 -26.89 9.11 6.30
N SER A 204 -26.41 10.31 6.60
CA SER A 204 -26.44 11.38 5.61
C SER A 204 -25.57 11.03 4.40
N HIS A 205 -24.38 10.44 4.63
CA HIS A 205 -23.57 10.00 3.49
C HIS A 205 -24.24 8.85 2.73
N ILE A 206 -24.80 7.85 3.43
CA ILE A 206 -25.51 6.77 2.74
C ILE A 206 -26.66 7.32 1.89
N GLY A 207 -27.41 8.29 2.42
CA GLY A 207 -28.47 8.91 1.64
C GLY A 207 -27.98 9.56 0.35
N SER A 208 -26.78 10.17 0.40
CA SER A 208 -26.22 10.75 -0.83
C SER A 208 -25.86 9.68 -1.86
N LEU A 209 -25.50 8.49 -1.39
CA LEU A 209 -25.24 7.39 -2.32
C LEU A 209 -26.54 6.83 -2.90
N ASN A 210 -27.58 6.65 -2.06
CA ASN A 210 -28.88 6.21 -2.58
C ASN A 210 -29.32 7.10 -3.73
N TRP A 211 -29.21 8.41 -3.52
CA TRP A 211 -29.66 9.40 -4.49
C TRP A 211 -28.78 9.38 -5.74
N GLY A 212 -27.46 9.31 -5.53
CA GLY A 212 -26.53 9.27 -6.64
C GLY A 212 -26.74 8.08 -7.57
N TYR A 213 -27.15 6.93 -7.02
CA TYR A 213 -27.42 5.79 -7.91
C TYR A 213 -28.71 5.99 -8.71
N LYS A 214 -29.76 6.54 -8.10
CA LYS A 214 -30.96 6.84 -8.87
C LYS A 214 -30.66 7.84 -9.99
N VAL A 215 -29.76 8.80 -9.73
CA VAL A 215 -29.41 9.77 -10.77
C VAL A 215 -28.60 9.10 -11.88
N ALA A 216 -27.72 8.16 -11.50
CA ALA A 216 -26.89 7.48 -12.50
C ALA A 216 -27.74 6.62 -13.42
N LEU A 217 -28.75 5.93 -12.88
CA LEU A 217 -29.60 5.10 -13.73
C LEU A 217 -30.45 5.96 -14.68
N ARG A 218 -31.04 7.05 -14.16
CA ARG A 218 -31.74 8.01 -15.04
C ARG A 218 -30.83 8.52 -16.16
N ASP A 219 -29.61 8.98 -15.83
CA ASP A 219 -28.74 9.52 -16.87
C ASP A 219 -28.22 8.47 -17.85
N ASN A 220 -28.36 7.18 -17.55
CA ASN A 220 -28.02 6.11 -18.48
C ASN A 220 -29.25 5.50 -19.16
N GLN A 221 -30.43 6.10 -18.98
CA GLN A 221 -31.68 5.62 -19.58
C GLN A 221 -32.04 4.20 -19.13
N VAL A 222 -31.65 3.83 -17.90
CA VAL A 222 -32.03 2.54 -17.32
C VAL A 222 -33.33 2.72 -16.55
N THR A 223 -34.27 1.79 -16.75
CA THR A 223 -35.53 1.80 -16.00
C THR A 223 -35.32 1.22 -14.61
N TYR A 224 -35.56 2.02 -13.58
CA TYR A 224 -35.48 1.54 -12.20
C TYR A 224 -36.88 1.25 -11.66
N LEU A 225 -37.10 0.01 -11.25
CA LEU A 225 -38.36 -0.42 -10.65
C LEU A 225 -38.08 -0.84 -9.21
N ASN A 226 -38.71 -0.15 -8.26
CA ASN A 226 -38.64 -0.54 -6.84
C ASN A 226 -39.70 -1.62 -6.63
N ALA A 227 -39.33 -2.85 -6.99
CA ALA A 227 -40.26 -3.98 -7.03
C ALA A 227 -39.50 -5.27 -6.74
N LYS A 228 -40.22 -6.25 -6.17
CA LYS A 228 -39.68 -7.58 -5.92
C LYS A 228 -39.85 -8.46 -7.15
N GLY A 229 -38.76 -9.05 -7.63
CA GLY A 229 -38.77 -9.84 -8.84
C GLY A 229 -38.75 -11.34 -8.61
N ARG A 230 -39.38 -12.08 -9.52
CA ARG A 230 -39.39 -13.54 -9.48
C ARG A 230 -39.31 -14.05 -10.91
N LEU A 231 -38.29 -14.85 -11.22
CA LEU A 231 -38.14 -15.42 -12.55
C LEU A 231 -39.07 -16.63 -12.66
N ILE A 232 -40.06 -16.56 -13.55
CA ILE A 232 -41.08 -17.61 -13.63
C ILE A 232 -40.95 -18.47 -14.89
N SER A 233 -40.20 -18.02 -15.89
CA SER A 233 -39.74 -18.82 -17.02
C SER A 233 -38.46 -18.16 -17.52
N PRO A 234 -37.75 -18.77 -18.49
CA PRO A 234 -36.45 -18.19 -18.88
C PRO A 234 -36.49 -16.70 -19.23
N HIS A 235 -37.57 -16.20 -19.84
CA HIS A 235 -37.65 -14.81 -20.26
C HIS A 235 -38.71 -13.97 -19.55
N GLU A 236 -39.43 -14.52 -18.56
CA GLU A 236 -40.52 -13.80 -17.90
C GLU A 236 -40.20 -13.54 -16.44
N VAL A 237 -40.29 -12.27 -16.03
CA VAL A 237 -40.05 -11.87 -14.64
C VAL A 237 -41.35 -11.29 -14.08
N GLN A 238 -41.86 -11.91 -13.02
CA GLN A 238 -43.02 -11.41 -12.32
C GLN A 238 -42.57 -10.38 -11.29
N ILE A 239 -43.22 -9.21 -11.27
CA ILE A 239 -42.86 -8.11 -10.38
C ILE A 239 -44.04 -7.77 -9.47
N THR A 240 -43.73 -7.47 -8.21
CA THR A 240 -44.73 -7.06 -7.23
C THR A 240 -44.35 -5.69 -6.68
N ASP A 241 -45.33 -4.77 -6.71
CA ASP A 241 -45.30 -3.36 -6.33
C ASP A 241 -45.21 -3.14 -4.83
N LYS A 242 -44.97 -1.87 -4.46
CA LYS A 242 -45.17 -1.44 -3.08
C LYS A 242 -46.65 -1.41 -2.71
N ASN A 243 -47.53 -1.36 -3.71
CA ASN A 243 -48.97 -1.44 -3.51
C ASN A 243 -49.51 -2.85 -3.73
N GLN A 244 -48.60 -3.83 -3.91
CA GLN A 244 -48.89 -5.23 -4.14
C GLN A 244 -49.56 -5.49 -5.49
N LYS A 245 -49.38 -4.60 -6.46
CA LYS A 245 -49.80 -4.87 -7.83
C LYS A 245 -48.83 -5.85 -8.48
N VAL A 246 -49.36 -6.88 -9.13
CA VAL A 246 -48.55 -7.95 -9.72
C VAL A 246 -48.64 -7.86 -11.23
N SER A 247 -47.49 -7.97 -11.91
CA SER A 247 -47.45 -7.91 -13.37
C SER A 247 -46.21 -8.66 -13.87
N THR A 248 -46.09 -8.77 -15.19
CA THR A 248 -45.03 -9.56 -15.83
C THR A 248 -44.32 -8.72 -16.89
N ILE A 249 -42.99 -8.70 -16.85
CA ILE A 249 -42.17 -8.08 -17.89
C ILE A 249 -41.28 -9.17 -18.48
N THR A 250 -40.85 -8.98 -19.73
CA THR A 250 -40.02 -9.96 -20.42
C THR A 250 -38.67 -9.35 -20.80
N GLY A 251 -37.66 -10.20 -20.88
CA GLY A 251 -36.31 -9.75 -21.21
C GLY A 251 -35.55 -10.83 -21.91
N ASN A 252 -34.65 -10.41 -22.81
CA ASN A 252 -33.82 -11.38 -23.53
C ASN A 252 -32.84 -12.07 -22.59
N LYS A 253 -31.89 -11.30 -22.02
CA LYS A 253 -30.93 -11.79 -21.04
C LYS A 253 -31.38 -11.42 -19.63
N ILE A 254 -31.12 -12.30 -18.65
CA ILE A 254 -31.46 -12.09 -17.25
C ILE A 254 -30.19 -12.19 -16.42
N ILE A 255 -29.94 -11.22 -15.55
CA ILE A 255 -28.85 -11.30 -14.58
C ILE A 255 -29.46 -11.38 -13.18
N LEU A 256 -29.18 -12.46 -12.46
CA LEU A 256 -29.56 -12.62 -11.07
C LEU A 256 -28.46 -12.03 -10.19
N ALA A 257 -28.82 -11.08 -9.32
CA ALA A 257 -27.85 -10.36 -8.50
C ALA A 257 -28.46 -9.98 -7.15
N THR A 258 -29.14 -10.93 -6.49
CA THR A 258 -29.97 -10.62 -5.33
C THR A 258 -29.25 -10.71 -3.97
N GLY A 259 -27.97 -11.14 -3.93
CA GLY A 259 -27.26 -11.11 -2.66
C GLY A 259 -27.81 -12.04 -1.57
N GLU A 260 -27.45 -11.72 -0.32
CA GLU A 260 -27.72 -12.54 0.87
C GLU A 260 -28.29 -11.66 1.98
N ARG A 261 -28.75 -12.28 3.07
CA ARG A 261 -29.19 -11.59 4.27
C ARG A 261 -28.71 -12.35 5.50
N PRO A 262 -28.69 -11.70 6.67
CA PRO A 262 -28.16 -12.38 7.86
C PRO A 262 -29.02 -13.57 8.30
N LYS A 263 -28.34 -14.59 8.84
CA LYS A 263 -28.96 -15.74 9.51
C LYS A 263 -29.22 -15.45 10.99
N TYR A 264 -30.23 -16.12 11.55
CA TYR A 264 -30.48 -16.20 12.99
C TYR A 264 -30.37 -17.65 13.45
N PRO A 265 -29.85 -17.90 14.65
CA PRO A 265 -29.95 -19.26 15.21
C PRO A 265 -31.37 -19.60 15.64
N GLU A 266 -31.70 -20.89 15.56
CA GLU A 266 -33.03 -21.38 15.92
C GLU A 266 -33.10 -21.63 17.44
N ILE A 267 -33.13 -20.52 18.18
CA ILE A 267 -33.30 -20.58 19.64
C ILE A 267 -34.42 -19.60 20.02
N PRO A 268 -35.06 -19.82 21.17
CA PRO A 268 -36.15 -18.91 21.59
C PRO A 268 -35.61 -17.51 21.87
N GLY A 269 -36.33 -16.50 21.36
CA GLY A 269 -35.97 -15.12 21.65
C GLY A 269 -35.02 -14.45 20.65
N ALA A 270 -34.36 -15.21 19.78
CA ALA A 270 -33.37 -14.62 18.88
C ALA A 270 -34.00 -13.61 17.90
N VAL A 271 -35.02 -14.03 17.17
CA VAL A 271 -35.67 -13.14 16.21
C VAL A 271 -36.42 -12.01 16.92
N GLU A 272 -37.05 -12.31 18.05
CA GLU A 272 -37.86 -11.32 18.76
C GLU A 272 -37.01 -10.23 19.42
N TYR A 273 -35.90 -10.60 20.05
CA TYR A 273 -35.21 -9.66 20.93
C TYR A 273 -33.79 -9.31 20.53
N GLY A 274 -33.16 -10.04 19.62
CA GLY A 274 -31.84 -9.67 19.14
C GLY A 274 -31.93 -8.85 17.85
N ILE A 275 -30.75 -8.39 17.38
CA ILE A 275 -30.64 -7.68 16.10
C ILE A 275 -29.47 -8.25 15.30
N THR A 276 -29.32 -7.79 14.05
CA THR A 276 -28.15 -8.10 13.24
C THR A 276 -27.47 -6.81 12.78
N SER A 277 -26.41 -6.96 11.99
CA SER A 277 -25.76 -5.83 11.32
C SER A 277 -26.75 -5.01 10.46
N ASP A 278 -27.78 -5.65 9.90
CA ASP A 278 -28.79 -4.92 9.13
C ASP A 278 -29.41 -3.76 9.93
N ASP A 279 -29.55 -3.95 11.25
CA ASP A 279 -30.18 -2.98 12.15
C ASP A 279 -29.17 -2.04 12.78
N LEU A 280 -27.92 -2.51 12.95
CA LEU A 280 -26.92 -1.79 13.75
C LEU A 280 -26.59 -0.42 13.16
N PHE A 281 -26.44 -0.33 11.84
CA PHE A 281 -25.87 0.87 11.25
C PHE A 281 -26.84 2.05 11.21
N SER A 282 -28.15 1.85 11.49
CA SER A 282 -29.08 2.97 11.64
C SER A 282 -29.73 3.00 13.02
N LEU A 283 -29.20 2.28 13.99
CA LEU A 283 -29.90 2.16 15.28
C LEU A 283 -30.03 3.53 15.94
N PRO A 284 -31.24 3.93 16.38
CA PRO A 284 -31.41 5.31 16.89
C PRO A 284 -30.81 5.56 18.28
N TYR A 285 -30.49 4.51 19.05
CA TYR A 285 -29.90 4.63 20.38
C TYR A 285 -28.59 3.86 20.43
N PHE A 286 -27.71 4.23 21.37
CA PHE A 286 -26.48 3.49 21.56
C PHE A 286 -26.82 2.08 22.06
N PRO A 287 -26.19 1.05 21.50
CA PRO A 287 -26.51 -0.32 21.93
C PRO A 287 -26.34 -0.56 23.43
N GLY A 288 -25.45 0.17 24.10
CA GLY A 288 -25.16 -0.11 25.51
C GLY A 288 -24.26 -1.32 25.68
N LYS A 289 -24.38 -1.99 26.84
CA LYS A 289 -23.63 -3.23 27.06
C LYS A 289 -24.12 -4.30 26.10
N THR A 290 -23.21 -4.83 25.28
CA THR A 290 -23.55 -5.57 24.06
C THR A 290 -22.91 -6.95 24.09
N LEU A 291 -23.66 -7.97 23.66
CA LEU A 291 -23.10 -9.28 23.34
C LEU A 291 -23.16 -9.46 21.83
N VAL A 292 -22.02 -9.77 21.22
CA VAL A 292 -21.95 -10.21 19.82
C VAL A 292 -21.81 -11.72 19.80
N ILE A 293 -22.72 -12.41 19.13
CA ILE A 293 -22.67 -13.88 19.01
C ILE A 293 -22.16 -14.22 17.61
N GLY A 294 -21.04 -14.92 17.54
CA GLY A 294 -20.40 -15.24 16.27
C GLY A 294 -18.95 -14.81 16.27
N ALA A 295 -18.26 -15.19 15.17
CA ALA A 295 -16.81 -15.00 15.13
C ALA A 295 -16.30 -14.74 13.72
N SER A 296 -17.19 -14.36 12.81
CA SER A 296 -16.86 -13.92 11.46
C SER A 296 -16.16 -12.56 11.48
N TYR A 297 -15.70 -12.11 10.31
CA TYR A 297 -15.14 -10.75 10.25
C TYR A 297 -16.21 -9.72 10.62
N VAL A 298 -17.48 -9.98 10.26
CA VAL A 298 -18.56 -9.06 10.64
C VAL A 298 -18.65 -8.95 12.16
N ALA A 299 -18.64 -10.09 12.86
CA ALA A 299 -18.72 -10.07 14.32
C ALA A 299 -17.56 -9.31 14.93
N LEU A 300 -16.34 -9.62 14.50
CA LEU A 300 -15.17 -8.99 15.12
C LEU A 300 -15.04 -7.51 14.78
N GLU A 301 -15.39 -7.11 13.54
CA GLU A 301 -15.32 -5.69 13.17
C GLU A 301 -16.30 -4.86 13.99
N CYS A 302 -17.53 -5.36 14.15
CA CYS A 302 -18.55 -4.62 14.90
C CYS A 302 -18.21 -4.55 16.38
N ALA A 303 -17.77 -5.67 16.97
CA ALA A 303 -17.36 -5.64 18.37
C ALA A 303 -16.19 -4.70 18.58
N GLY A 304 -15.26 -4.68 17.62
CA GLY A 304 -14.10 -3.82 17.73
C GLY A 304 -14.46 -2.35 17.82
N PHE A 305 -15.26 -1.85 16.87
CA PHE A 305 -15.53 -0.41 16.94
C PHE A 305 -16.42 -0.06 18.13
N LEU A 306 -17.35 -0.96 18.54
CA LEU A 306 -18.19 -0.64 19.69
C LEU A 306 -17.35 -0.49 20.96
N ALA A 307 -16.31 -1.31 21.13
CA ALA A 307 -15.42 -1.16 22.27
C ALA A 307 -14.63 0.15 22.21
N SER A 308 -14.13 0.53 21.02
CA SER A 308 -13.38 1.79 20.90
C SER A 308 -14.25 3.01 21.14
N LEU A 309 -15.55 2.92 20.86
CA LEU A 309 -16.46 4.01 21.17
C LEU A 309 -16.92 4.03 22.64
N GLY A 310 -16.30 3.24 23.50
CA GLY A 310 -16.59 3.25 24.92
C GLY A 310 -17.51 2.17 25.44
N GLY A 311 -17.92 1.22 24.61
CA GLY A 311 -18.92 0.25 25.03
C GLY A 311 -18.35 -0.93 25.80
N ASP A 312 -19.20 -1.54 26.63
CA ASP A 312 -18.92 -2.78 27.34
C ASP A 312 -19.34 -3.92 26.42
N VAL A 313 -18.37 -4.61 25.81
CA VAL A 313 -18.62 -5.54 24.71
C VAL A 313 -18.05 -6.92 25.02
N THR A 314 -18.85 -7.96 24.79
CA THR A 314 -18.43 -9.36 24.87
C THR A 314 -18.72 -10.07 23.55
N VAL A 315 -17.82 -10.98 23.12
CA VAL A 315 -18.00 -11.81 21.92
C VAL A 315 -18.11 -13.28 22.34
N MET A 316 -19.21 -13.94 21.93
CA MET A 316 -19.43 -15.37 22.18
C MET A 316 -18.99 -16.20 20.99
N VAL A 317 -17.93 -17.00 21.19
CA VAL A 317 -17.25 -17.74 20.14
C VAL A 317 -17.53 -19.24 20.29
N ARG A 318 -18.13 -19.85 19.25
CA ARG A 318 -18.47 -21.28 19.30
C ARG A 318 -17.21 -22.16 19.25
N SER A 319 -16.28 -21.88 18.31
CA SER A 319 -15.05 -22.67 18.24
C SER A 319 -13.82 -21.78 18.04
N ILE A 320 -13.60 -21.27 16.82
CA ILE A 320 -12.42 -20.48 16.48
C ILE A 320 -12.85 -19.13 15.88
N LEU A 321 -11.89 -18.20 15.82
CA LEU A 321 -12.07 -16.92 15.14
C LEU A 321 -11.75 -17.06 13.65
N LEU A 322 -12.53 -16.39 12.81
CA LEU A 322 -12.19 -16.23 11.39
C LEU A 322 -11.90 -17.58 10.70
N ARG A 323 -12.79 -18.56 10.88
CA ARG A 323 -12.67 -19.83 10.15
C ARG A 323 -12.47 -19.58 8.65
N GLY A 324 -11.45 -20.22 8.09
CA GLY A 324 -11.12 -20.06 6.69
C GLY A 324 -10.03 -19.06 6.39
N PHE A 325 -9.67 -18.21 7.35
CA PHE A 325 -8.51 -17.33 7.30
C PHE A 325 -7.34 -18.01 8.01
N ASP A 326 -6.12 -17.59 7.65
CA ASP A 326 -4.90 -18.04 8.34
C ASP A 326 -5.07 -17.92 9.85
N GLN A 327 -4.90 -19.04 10.56
CA GLN A 327 -5.27 -19.08 11.97
C GLN A 327 -4.21 -18.50 12.91
N GLN A 328 -2.94 -18.42 12.52
CA GLN A 328 -1.99 -17.66 13.32
C GLN A 328 -2.36 -16.18 13.31
N MET A 329 -2.69 -15.68 12.12
CA MET A 329 -3.14 -14.29 11.96
C MET A 329 -4.44 -14.04 12.74
N ALA A 330 -5.42 -14.94 12.63
CA ALA A 330 -6.69 -14.76 13.35
C ALA A 330 -6.49 -14.68 14.86
N GLU A 331 -5.58 -15.48 15.41
CA GLU A 331 -5.32 -15.42 16.85
C GLU A 331 -4.64 -14.12 17.26
N LYS A 332 -3.70 -13.61 16.45
CA LYS A 332 -3.06 -12.32 16.77
C LYS A 332 -4.10 -11.18 16.76
N VAL A 333 -5.03 -11.23 15.81
CA VAL A 333 -6.13 -10.27 15.75
C VAL A 333 -6.96 -10.31 17.02
N GLY A 334 -7.35 -11.52 17.44
CA GLY A 334 -8.16 -11.66 18.64
C GLY A 334 -7.42 -11.27 19.91
N ASP A 335 -6.14 -11.66 20.02
CA ASP A 335 -5.32 -11.25 21.17
C ASP A 335 -5.24 -9.74 21.31
N TYR A 336 -5.08 -9.01 20.20
CA TYR A 336 -5.03 -7.56 20.28
C TYR A 336 -6.36 -6.99 20.81
N MET A 337 -7.49 -7.49 20.29
CA MET A 337 -8.77 -7.00 20.79
C MET A 337 -8.98 -7.29 22.28
N GLU A 338 -8.58 -8.49 22.73
CA GLU A 338 -8.76 -8.85 24.13
C GLU A 338 -7.86 -8.01 25.03
N ASN A 339 -6.67 -7.63 24.56
CA ASN A 339 -5.82 -6.73 25.32
C ASN A 339 -6.35 -5.31 25.39
N HIS A 340 -7.18 -4.91 24.43
CA HIS A 340 -7.69 -3.54 24.36
C HIS A 340 -9.20 -3.48 24.60
N GLY A 341 -9.72 -4.27 25.53
CA GLY A 341 -11.03 -4.02 26.07
C GLY A 341 -12.21 -4.75 25.45
N VAL A 342 -11.98 -5.78 24.61
CA VAL A 342 -13.05 -6.68 24.18
C VAL A 342 -12.97 -7.96 25.01
N LYS A 343 -14.07 -8.34 25.64
CA LYS A 343 -14.13 -9.60 26.39
C LYS A 343 -14.63 -10.71 25.50
N PHE A 344 -14.13 -11.94 25.73
CA PHE A 344 -14.49 -13.10 24.94
C PHE A 344 -15.05 -14.20 25.82
N ALA A 345 -16.18 -14.78 25.40
CA ALA A 345 -16.71 -16.00 26.00
C ALA A 345 -16.40 -17.15 25.04
N LYS A 346 -15.33 -17.87 25.33
CA LYS A 346 -14.75 -18.84 24.39
C LYS A 346 -15.36 -20.22 24.55
N LEU A 347 -15.55 -20.90 23.41
CA LEU A 347 -16.10 -22.25 23.34
C LEU A 347 -17.53 -22.29 23.91
N CYS A 348 -18.39 -21.41 23.40
CA CYS A 348 -19.66 -21.14 24.08
C CYS A 348 -20.75 -20.85 23.04
N VAL A 349 -21.96 -21.33 23.27
CA VAL A 349 -23.09 -21.08 22.37
C VAL A 349 -24.31 -20.65 23.18
N PRO A 350 -25.22 -19.91 22.55
CA PRO A 350 -26.45 -19.48 23.25
C PRO A 350 -27.58 -20.48 23.11
N ASP A 351 -28.39 -20.58 24.18
CA ASP A 351 -29.57 -21.45 24.22
C ASP A 351 -30.90 -20.70 24.18
N GLU A 352 -30.96 -19.48 24.72
CA GLU A 352 -32.22 -18.72 24.70
C GLU A 352 -31.95 -17.27 25.10
N ILE A 353 -32.75 -16.36 24.55
CA ILE A 353 -32.75 -14.94 24.93
C ILE A 353 -34.09 -14.65 25.59
N LYS A 354 -34.07 -14.15 26.83
CA LYS A 354 -35.28 -13.70 27.53
C LYS A 354 -35.31 -12.19 27.64
N GLN A 355 -36.52 -11.60 27.51
CA GLN A 355 -36.69 -10.14 27.57
C GLN A 355 -36.99 -9.67 28.99
N LEU A 356 -36.17 -8.76 29.49
CA LEU A 356 -36.32 -8.13 30.80
C LEU A 356 -36.87 -6.71 30.73
N LYS A 357 -36.52 -5.97 29.67
CA LYS A 357 -37.10 -4.65 29.40
C LYS A 357 -37.34 -4.49 27.92
N VAL A 358 -38.50 -3.94 27.55
CA VAL A 358 -38.80 -3.55 26.18
C VAL A 358 -37.97 -2.32 25.79
N VAL A 359 -37.60 -2.22 24.50
CA VAL A 359 -36.90 -1.03 24.00
C VAL A 359 -37.74 0.22 24.26
N ASP A 360 -37.08 1.27 24.76
CA ASP A 360 -37.72 2.52 25.20
C ASP A 360 -37.61 3.52 24.04
N THR A 361 -38.65 3.57 23.21
CA THR A 361 -38.65 4.51 22.09
C THR A 361 -38.84 5.95 22.56
N GLU A 362 -39.53 6.17 23.68
CA GLU A 362 -39.73 7.53 24.17
C GLU A 362 -38.39 8.16 24.54
N ASN A 363 -37.71 7.61 25.53
CA ASN A 363 -36.43 8.17 25.96
C ASN A 363 -35.25 7.69 25.13
N ASN A 364 -35.48 7.01 24.00
CA ASN A 364 -34.41 6.62 23.08
C ASN A 364 -33.33 5.78 23.77
N LYS A 365 -33.74 4.63 24.28
CA LYS A 365 -32.84 3.79 25.06
C LYS A 365 -33.08 2.33 24.71
N PRO A 366 -32.05 1.50 24.81
CA PRO A 366 -32.23 0.06 24.55
C PRO A 366 -33.08 -0.59 25.64
N GLY A 367 -33.45 -1.83 25.41
CA GLY A 367 -34.07 -2.67 26.44
C GLY A 367 -33.03 -3.38 27.30
N LEU A 368 -33.37 -4.59 27.74
CA LEU A 368 -32.50 -5.37 28.62
C LEU A 368 -32.89 -6.84 28.47
N LEU A 369 -31.87 -7.70 28.36
CA LEU A 369 -32.06 -9.10 27.99
C LEU A 369 -31.27 -10.00 28.92
N LEU A 370 -31.77 -11.20 29.12
CA LEU A 370 -31.03 -12.24 29.81
C LEU A 370 -30.62 -13.32 28.79
N VAL A 371 -29.32 -13.61 28.72
CA VAL A 371 -28.78 -14.59 27.78
C VAL A 371 -28.32 -15.81 28.54
N LYS A 372 -28.88 -16.97 28.20
CA LYS A 372 -28.48 -18.25 28.76
C LYS A 372 -27.80 -19.06 27.67
N GLY A 373 -26.68 -19.71 28.02
CA GLY A 373 -25.97 -20.56 27.07
C GLY A 373 -25.16 -21.61 27.81
N HIS A 374 -24.24 -22.25 27.08
CA HIS A 374 -23.37 -23.24 27.74
C HIS A 374 -22.04 -23.40 27.00
N TYR A 375 -20.99 -23.67 27.77
CA TYR A 375 -19.66 -23.98 27.26
C TYR A 375 -19.59 -25.44 26.78
N THR A 376 -18.55 -25.77 25.99
CA THR A 376 -18.50 -27.09 25.38
C THR A 376 -18.33 -28.20 26.43
N ASP A 377 -17.79 -27.89 27.59
CA ASP A 377 -17.70 -28.87 28.67
C ASP A 377 -18.99 -29.02 29.47
N GLY A 378 -20.04 -28.26 29.13
CA GLY A 378 -21.31 -28.37 29.83
C GLY A 378 -21.57 -27.30 30.89
N LYS A 379 -20.56 -26.54 31.32
CA LYS A 379 -20.81 -25.47 32.27
C LYS A 379 -21.74 -24.42 31.67
N LYS A 380 -22.43 -23.69 32.55
CA LYS A 380 -23.50 -22.80 32.12
C LYS A 380 -23.00 -21.37 31.95
N PHE A 381 -23.64 -20.65 31.03
CA PHE A 381 -23.42 -19.22 30.79
C PHE A 381 -24.73 -18.51 31.09
N GLU A 382 -24.68 -17.44 31.89
CA GLU A 382 -25.88 -16.63 32.15
C GLU A 382 -25.48 -15.19 32.49
N GLU A 383 -25.91 -14.22 31.70
CA GLU A 383 -25.49 -12.83 31.89
C GLU A 383 -26.48 -11.91 31.20
N GLU A 384 -26.63 -10.68 31.74
CA GLU A 384 -27.54 -9.66 31.20
C GLU A 384 -26.83 -8.72 30.23
N PHE A 385 -27.54 -8.33 29.14
CA PHE A 385 -27.03 -7.38 28.15
C PHE A 385 -28.14 -6.46 27.68
N GLU A 386 -27.77 -5.23 27.28
CA GLU A 386 -28.78 -4.34 26.72
C GLU A 386 -29.07 -4.64 25.24
N THR A 387 -28.06 -5.13 24.50
CA THR A 387 -28.21 -5.44 23.08
C THR A 387 -27.51 -6.76 22.77
N VAL A 388 -28.15 -7.60 21.95
CA VAL A 388 -27.56 -8.85 21.49
C VAL A 388 -27.55 -8.82 19.96
N ILE A 389 -26.36 -8.90 19.37
CA ILE A 389 -26.17 -8.86 17.91
C ILE A 389 -25.78 -10.25 17.42
N PHE A 390 -26.56 -10.81 16.48
CA PHE A 390 -26.19 -12.08 15.88
C PHE A 390 -25.39 -11.83 14.61
N ALA A 391 -24.21 -12.44 14.54
CA ALA A 391 -23.36 -12.47 13.34
C ALA A 391 -22.88 -13.91 13.12
N VAL A 392 -23.81 -14.76 12.67
CA VAL A 392 -23.59 -16.21 12.55
C VAL A 392 -23.76 -16.65 11.10
N GLY A 393 -23.40 -15.78 10.17
CA GLY A 393 -23.38 -16.11 8.75
C GLY A 393 -24.52 -15.44 8.01
N ARG A 394 -24.49 -15.59 6.68
CA ARG A 394 -25.46 -15.00 5.75
C ARG A 394 -25.84 -16.04 4.70
N GLU A 395 -27.04 -15.90 4.11
CA GLU A 395 -27.51 -16.90 3.15
C GLU A 395 -28.40 -16.25 2.10
N PRO A 396 -28.46 -16.82 0.90
CA PRO A 396 -29.37 -16.30 -0.12
C PRO A 396 -30.77 -16.88 0.11
N GLN A 397 -31.74 -16.33 -0.62
CA GLN A 397 -33.12 -16.72 -0.42
C GLN A 397 -33.75 -17.15 -1.74
N LEU A 398 -32.99 -17.87 -2.57
CA LEU A 398 -33.33 -17.97 -3.98
C LEU A 398 -34.67 -18.65 -4.22
N SER A 399 -35.16 -19.42 -3.26
CA SER A 399 -36.51 -19.98 -3.38
C SER A 399 -37.55 -18.89 -3.59
N LYS A 400 -37.30 -17.68 -3.08
CA LYS A 400 -38.19 -16.55 -3.33
C LYS A 400 -37.97 -15.92 -4.71
N VAL A 401 -36.75 -16.01 -5.24
CA VAL A 401 -36.41 -15.34 -6.49
C VAL A 401 -36.65 -16.21 -7.73
N LEU A 402 -36.67 -17.53 -7.58
CA LEU A 402 -36.54 -18.44 -8.72
C LEU A 402 -37.58 -19.55 -8.60
N CYS A 403 -38.54 -19.59 -9.51
CA CYS A 403 -39.41 -20.76 -9.58
C CYS A 403 -38.61 -21.98 -9.99
N GLU A 404 -38.88 -23.10 -9.30
CA GLU A 404 -38.14 -24.35 -9.50
C GLU A 404 -38.20 -24.84 -10.94
N THR A 405 -39.30 -24.56 -11.66
CA THR A 405 -39.49 -25.09 -13.00
C THR A 405 -38.67 -24.37 -14.06
N VAL A 406 -38.04 -23.23 -13.73
CA VAL A 406 -37.19 -22.56 -14.71
C VAL A 406 -35.98 -23.45 -15.06
N GLY A 407 -35.48 -24.22 -14.10
CA GLY A 407 -34.35 -25.10 -14.35
C GLY A 407 -32.98 -24.57 -13.99
N VAL A 408 -32.89 -23.56 -13.13
CA VAL A 408 -31.60 -23.03 -12.69
C VAL A 408 -31.08 -23.88 -11.53
N LYS A 409 -29.91 -24.49 -11.72
CA LYS A 409 -29.33 -25.41 -10.76
C LYS A 409 -28.71 -24.66 -9.58
N LEU A 410 -28.98 -25.13 -8.36
CA LEU A 410 -28.39 -24.61 -7.14
C LEU A 410 -27.56 -25.68 -6.46
N ASP A 411 -26.53 -25.26 -5.71
CA ASP A 411 -25.70 -26.18 -4.96
C ASP A 411 -26.34 -26.45 -3.60
N LYS A 412 -25.64 -27.19 -2.73
CA LYS A 412 -26.25 -27.63 -1.47
C LYS A 412 -26.45 -26.48 -0.48
N ASN A 413 -25.80 -25.35 -0.70
CA ASN A 413 -25.97 -24.14 0.10
C ASN A 413 -26.97 -23.16 -0.48
N GLY A 414 -27.61 -23.49 -1.59
CA GLY A 414 -28.59 -22.60 -2.20
C GLY A 414 -28.02 -21.51 -3.10
N ARG A 415 -26.75 -21.59 -3.48
CA ARG A 415 -26.16 -20.64 -4.43
C ARG A 415 -26.20 -21.21 -5.86
N VAL A 416 -26.03 -20.32 -6.84
CA VAL A 416 -26.20 -20.69 -8.26
C VAL A 416 -24.92 -21.30 -8.82
N VAL A 417 -25.04 -22.46 -9.46
CA VAL A 417 -23.90 -23.12 -10.11
C VAL A 417 -23.69 -22.49 -11.49
N CYS A 418 -22.52 -21.89 -11.70
CA CYS A 418 -22.24 -21.13 -12.92
C CYS A 418 -20.99 -21.64 -13.61
N THR A 419 -20.93 -21.44 -14.93
CA THR A 419 -19.68 -21.64 -15.64
C THR A 419 -18.76 -20.44 -15.43
N ASP A 420 -17.55 -20.51 -16.00
CA ASP A 420 -16.55 -19.47 -15.81
C ASP A 420 -16.90 -18.15 -16.52
N ASP A 421 -18.04 -18.09 -17.20
CA ASP A 421 -18.54 -16.84 -17.77
C ASP A 421 -19.86 -16.40 -17.15
N GLU A 422 -20.14 -16.86 -15.92
CA GLU A 422 -21.32 -16.58 -15.11
C GLU A 422 -22.64 -17.15 -15.66
N GLN A 423 -22.60 -18.01 -16.69
CA GLN A 423 -23.82 -18.59 -17.24
C GLN A 423 -24.37 -19.67 -16.31
N THR A 424 -25.69 -19.64 -16.03
CA THR A 424 -26.35 -20.71 -15.28
C THR A 424 -26.65 -21.89 -16.19
N THR A 425 -27.41 -22.88 -15.69
CA THR A 425 -27.90 -24.00 -16.52
C THR A 425 -29.02 -23.59 -17.48
N VAL A 426 -29.49 -22.35 -17.45
CA VAL A 426 -30.43 -21.83 -18.42
C VAL A 426 -29.71 -20.77 -19.26
N SER A 427 -29.71 -20.92 -20.60
CA SER A 427 -28.66 -20.34 -21.43
C SER A 427 -28.67 -18.81 -21.46
N ASN A 428 -29.83 -18.18 -21.28
CA ASN A 428 -29.95 -16.72 -21.29
C ASN A 428 -29.89 -16.11 -19.89
N VAL A 429 -29.69 -16.92 -18.85
CA VAL A 429 -29.74 -16.47 -17.47
C VAL A 429 -28.34 -16.59 -16.86
N TYR A 430 -27.91 -15.51 -16.19
CA TYR A 430 -26.57 -15.40 -15.59
C TYR A 430 -26.72 -14.99 -14.13
N ALA A 431 -25.67 -15.22 -13.34
CA ALA A 431 -25.67 -14.83 -11.94
C ALA A 431 -24.31 -14.27 -11.53
N ILE A 432 -24.33 -13.22 -10.69
CA ILE A 432 -23.12 -12.51 -10.26
C ILE A 432 -23.21 -12.19 -8.77
N GLY A 433 -22.05 -11.92 -8.18
CA GLY A 433 -22.03 -11.46 -6.79
C GLY A 433 -22.11 -12.61 -5.81
N ASP A 434 -22.67 -12.32 -4.62
CA ASP A 434 -22.58 -13.28 -3.52
C ASP A 434 -23.30 -14.60 -3.83
N ILE A 435 -24.33 -14.60 -4.69
CA ILE A 435 -25.06 -15.83 -4.98
C ILE A 435 -24.36 -16.74 -5.99
N ASN A 436 -23.22 -16.33 -6.55
CA ASN A 436 -22.49 -17.17 -7.50
C ASN A 436 -21.66 -18.17 -6.69
N ALA A 437 -21.99 -19.46 -6.79
CA ALA A 437 -21.38 -20.46 -5.91
C ALA A 437 -19.86 -20.50 -6.05
N GLY A 438 -19.16 -20.57 -4.91
CA GLY A 438 -17.73 -20.81 -4.89
C GLY A 438 -16.82 -19.60 -5.08
N LYS A 439 -17.38 -18.39 -5.33
CA LYS A 439 -16.64 -17.15 -5.57
C LYS A 439 -16.43 -16.37 -4.28
N PRO A 440 -15.32 -15.60 -4.17
CA PRO A 440 -15.13 -14.73 -3.00
C PRO A 440 -16.28 -13.72 -2.93
N GLN A 441 -16.83 -13.56 -1.73
CA GLN A 441 -18.03 -12.73 -1.56
C GLN A 441 -17.62 -11.32 -1.15
N LEU A 442 -17.26 -10.51 -2.15
CA LEU A 442 -16.70 -9.17 -1.94
C LEU A 442 -17.29 -8.19 -2.97
N THR A 443 -17.39 -6.92 -2.58
CA THR A 443 -17.99 -5.93 -3.47
C THR A 443 -17.18 -5.71 -4.75
N PRO A 444 -15.86 -5.51 -4.72
CA PRO A 444 -15.13 -5.34 -6.00
C PRO A 444 -15.21 -6.55 -6.93
N VAL A 445 -15.36 -7.77 -6.38
CA VAL A 445 -15.56 -8.95 -7.24
C VAL A 445 -16.90 -8.86 -7.97
N ALA A 446 -17.96 -8.52 -7.25
CA ALA A 446 -19.28 -8.40 -7.88
C ALA A 446 -19.27 -7.33 -8.97
N ILE A 447 -18.58 -6.22 -8.72
CA ILE A 447 -18.54 -5.12 -9.70
C ILE A 447 -17.76 -5.53 -10.95
N GLN A 448 -16.60 -6.15 -10.77
CA GLN A 448 -15.83 -6.61 -11.94
C GLN A 448 -16.62 -7.64 -12.75
N ALA A 449 -17.28 -8.57 -12.08
CA ALA A 449 -18.04 -9.60 -12.77
C ALA A 449 -19.18 -9.01 -13.58
N GLY A 450 -19.95 -8.09 -12.96
CA GLY A 450 -21.06 -7.47 -13.66
C GLY A 450 -20.64 -6.62 -14.86
N ARG A 451 -19.58 -5.82 -14.71
CA ARG A 451 -19.12 -5.00 -15.82
C ARG A 451 -18.58 -5.85 -16.96
N TYR A 452 -17.73 -6.84 -16.64
CA TYR A 452 -17.13 -7.68 -17.68
C TYR A 452 -18.20 -8.52 -18.40
N LEU A 453 -19.20 -9.02 -17.65
CA LEU A 453 -20.29 -9.78 -18.27
C LEU A 453 -21.10 -8.91 -19.23
N ALA A 454 -21.48 -7.70 -18.81
CA ALA A 454 -22.21 -6.80 -19.71
C ALA A 454 -21.46 -6.54 -21.00
N ARG A 455 -20.12 -6.41 -20.93
CA ARG A 455 -19.34 -6.20 -22.14
C ARG A 455 -19.34 -7.42 -23.05
N ARG A 456 -19.25 -8.62 -22.49
CA ARG A 456 -19.34 -9.83 -23.31
C ARG A 456 -20.72 -9.97 -23.95
N LEU A 457 -21.80 -9.62 -23.23
CA LEU A 457 -23.15 -9.80 -23.78
C LEU A 457 -23.46 -8.81 -24.89
N PHE A 458 -23.02 -7.56 -24.76
CA PHE A 458 -23.53 -6.51 -25.63
C PHE A 458 -22.47 -5.79 -26.44
N ALA A 459 -21.18 -6.09 -26.26
CA ALA A 459 -20.14 -5.42 -27.05
C ALA A 459 -19.10 -6.39 -27.61
N GLY A 460 -19.36 -7.70 -27.61
CA GLY A 460 -18.46 -8.65 -28.23
C GLY A 460 -17.19 -8.91 -27.47
N ALA A 461 -17.08 -8.49 -26.21
CA ALA A 461 -15.87 -8.74 -25.44
C ALA A 461 -15.71 -10.23 -25.19
N THR A 462 -14.45 -10.67 -24.97
CA THR A 462 -14.22 -12.05 -24.55
C THR A 462 -13.60 -12.18 -23.16
N GLU A 463 -13.13 -11.09 -22.56
CA GLU A 463 -12.42 -11.13 -21.28
C GLU A 463 -13.28 -11.67 -20.16
N LEU A 464 -12.74 -12.63 -19.41
CA LEU A 464 -13.36 -13.22 -18.23
C LEU A 464 -12.86 -12.55 -16.95
N THR A 465 -13.67 -12.64 -15.89
CA THR A 465 -13.23 -12.23 -14.55
C THR A 465 -12.30 -13.28 -13.95
N ASP A 466 -11.20 -12.83 -13.33
CA ASP A 466 -10.23 -13.70 -12.68
C ASP A 466 -10.51 -13.68 -11.17
N TYR A 467 -10.96 -14.82 -10.63
CA TYR A 467 -11.33 -14.91 -9.22
C TYR A 467 -10.18 -15.43 -8.32
N SER A 468 -8.98 -15.61 -8.85
CA SER A 468 -7.89 -16.17 -8.05
C SER A 468 -7.03 -15.08 -7.40
N ASN A 469 -6.54 -15.40 -6.19
CA ASN A 469 -5.66 -14.53 -5.40
C ASN A 469 -6.23 -13.12 -5.20
N VAL A 470 -7.53 -13.04 -4.92
CA VAL A 470 -8.18 -11.76 -4.66
C VAL A 470 -7.84 -11.34 -3.23
N ALA A 471 -7.28 -10.14 -3.06
CA ALA A 471 -6.86 -9.72 -1.73
C ALA A 471 -8.07 -9.24 -0.91
N THR A 472 -7.88 -9.23 0.42
CA THR A 472 -8.94 -8.94 1.39
C THR A 472 -8.35 -8.10 2.53
N THR A 473 -9.21 -7.44 3.31
CA THR A 473 -8.79 -6.80 4.54
C THR A 473 -9.91 -6.87 5.57
N VAL A 474 -9.57 -7.28 6.79
CA VAL A 474 -10.47 -7.30 7.94
C VAL A 474 -10.20 -6.04 8.77
N PHE A 475 -11.22 -5.18 8.90
CA PHE A 475 -11.04 -3.87 9.55
C PHE A 475 -11.35 -3.94 11.06
N THR A 476 -10.67 -4.87 11.72
CA THR A 476 -10.61 -4.93 13.19
C THR A 476 -9.77 -3.77 13.76
N PRO A 477 -9.82 -3.53 15.09
CA PRO A 477 -9.10 -2.35 15.63
C PRO A 477 -7.64 -2.27 15.19
N LEU A 478 -6.93 -3.40 15.15
CA LEU A 478 -5.71 -3.55 14.36
C LEU A 478 -6.04 -4.37 13.11
N GLU A 479 -5.83 -3.77 11.94
CA GLU A 479 -6.34 -4.33 10.69
C GLU A 479 -5.47 -5.49 10.17
N TYR A 480 -6.11 -6.42 9.45
CA TYR A 480 -5.45 -7.62 8.91
C TYR A 480 -5.70 -7.72 7.40
N GLY A 481 -4.64 -7.59 6.61
CA GLY A 481 -4.72 -7.69 5.16
C GLY A 481 -4.05 -8.96 4.68
N ALA A 482 -4.56 -9.54 3.59
CA ALA A 482 -4.06 -10.82 3.12
C ALA A 482 -4.28 -10.97 1.62
N CYS A 483 -3.40 -11.72 0.96
CA CYS A 483 -3.59 -12.05 -0.46
C CYS A 483 -2.94 -13.40 -0.72
N GLY A 484 -3.73 -14.37 -1.17
CA GLY A 484 -3.22 -15.71 -1.46
C GLY A 484 -3.57 -16.72 -0.39
N LEU A 485 -2.77 -17.78 -0.34
CA LEU A 485 -3.02 -18.89 0.59
C LEU A 485 -2.60 -18.57 2.01
N SER A 486 -3.36 -19.11 2.96
CA SER A 486 -2.91 -19.21 4.33
C SER A 486 -1.73 -20.17 4.42
N GLU A 487 -0.99 -20.06 5.52
CA GLU A 487 0.18 -20.92 5.68
C GLU A 487 -0.23 -22.38 5.80
N GLU A 488 -1.33 -22.66 6.49
CA GLU A 488 -1.75 -24.06 6.63
C GLU A 488 -2.28 -24.64 5.31
N ASP A 489 -2.97 -23.85 4.48
CA ASP A 489 -3.37 -24.36 3.16
C ASP A 489 -2.18 -24.60 2.25
N ALA A 490 -1.16 -23.74 2.33
CA ALA A 490 0.02 -23.95 1.48
C ALA A 490 0.70 -25.27 1.83
N ILE A 491 0.86 -25.55 3.12
CA ILE A 491 1.51 -26.78 3.57
C ILE A 491 0.67 -28.00 3.21
N GLU A 492 -0.65 -27.91 3.37
CA GLU A 492 -1.53 -29.00 2.96
C GLU A 492 -1.39 -29.32 1.46
N LYS A 493 -1.25 -28.29 0.62
CA LYS A 493 -1.24 -28.49 -0.83
C LYS A 493 0.13 -28.95 -1.34
N TYR A 494 1.23 -28.53 -0.72
CA TYR A 494 2.56 -28.80 -1.24
C TYR A 494 3.46 -29.59 -0.32
N GLY A 495 3.10 -29.75 0.95
CA GLY A 495 3.89 -30.39 1.98
C GLY A 495 4.85 -29.45 2.68
N ASP A 496 5.16 -29.79 3.93
CA ASP A 496 5.95 -28.90 4.78
C ASP A 496 7.36 -28.66 4.21
N LYS A 497 8.00 -29.70 3.68
CA LYS A 497 9.37 -29.54 3.19
C LYS A 497 9.46 -28.58 2.00
N ASP A 498 8.38 -28.38 1.25
CA ASP A 498 8.41 -27.49 0.08
C ASP A 498 7.96 -26.05 0.40
N ILE A 499 7.75 -25.70 1.67
CA ILE A 499 7.21 -24.40 2.05
C ILE A 499 8.22 -23.69 2.96
N GLU A 500 8.62 -22.47 2.58
CA GLU A 500 9.44 -21.60 3.41
C GLU A 500 8.63 -20.36 3.78
N VAL A 501 8.70 -19.95 5.05
CA VAL A 501 7.97 -18.77 5.55
C VAL A 501 8.96 -17.77 6.12
N TYR A 502 8.96 -16.56 5.54
CA TYR A 502 9.75 -15.42 6.04
C TYR A 502 8.82 -14.52 6.85
N HIS A 503 9.26 -14.09 8.03
CA HIS A 503 8.36 -13.27 8.86
C HIS A 503 9.13 -12.27 9.71
N SER A 504 8.41 -11.27 10.23
CA SER A 504 9.00 -10.24 11.10
C SER A 504 7.92 -9.49 11.85
N ASN A 505 8.19 -9.17 13.12
CA ASN A 505 7.47 -8.11 13.79
C ASN A 505 7.93 -6.75 13.28
N PHE A 506 7.17 -5.70 13.63
CA PHE A 506 7.54 -4.33 13.33
C PHE A 506 6.75 -3.38 14.23
N LYS A 507 7.24 -2.14 14.31
CA LYS A 507 6.60 -1.08 15.08
C LYS A 507 6.41 0.13 14.19
N PRO A 508 5.18 0.61 14.00
CA PRO A 508 4.99 1.85 13.23
C PRO A 508 5.77 2.99 13.88
N LEU A 509 6.38 3.85 13.06
CA LEU A 509 7.08 5.01 13.62
C LEU A 509 6.12 5.89 14.42
N GLU A 510 4.87 6.00 13.98
CA GLU A 510 3.87 6.77 14.71
C GLU A 510 3.64 6.26 16.14
N TRP A 511 3.99 5.00 16.42
CA TRP A 511 3.72 4.41 17.72
C TRP A 511 4.83 4.67 18.75
N THR A 512 5.96 5.25 18.33
CA THR A 512 7.10 5.37 19.24
C THR A 512 6.85 6.46 20.28
N VAL A 513 6.69 7.71 19.83
CA VAL A 513 6.38 8.81 20.74
C VAL A 513 5.05 8.59 21.46
N ALA A 514 4.14 7.78 20.88
CA ALA A 514 2.85 7.49 21.52
C ALA A 514 2.91 6.37 22.55
N HIS A 515 4.05 5.70 22.70
CA HIS A 515 4.24 4.66 23.71
C HIS A 515 3.30 3.46 23.51
N ARG A 516 3.05 3.08 22.26
CA ARG A 516 2.30 1.85 21.96
C ARG A 516 3.24 0.65 21.82
N GLU A 517 2.69 -0.53 21.52
CA GLU A 517 3.40 -1.79 21.73
C GLU A 517 4.51 -2.04 20.70
N ASP A 518 5.60 -2.67 21.17
CA ASP A 518 6.81 -2.88 20.37
C ASP A 518 6.67 -3.99 19.34
N ASN A 519 5.99 -5.08 19.69
CA ASN A 519 6.08 -6.31 18.90
C ASN A 519 4.72 -6.96 18.72
N VAL A 520 3.70 -6.17 18.38
CA VAL A 520 2.37 -6.70 18.09
C VAL A 520 2.10 -6.75 16.59
N CYS A 521 2.54 -5.72 15.85
CA CYS A 521 2.39 -5.76 14.41
C CYS A 521 3.31 -6.84 13.82
N TYR A 522 2.86 -7.46 12.73
CA TYR A 522 3.46 -8.70 12.25
C TYR A 522 3.18 -8.87 10.76
N MET A 523 4.15 -9.42 10.02
CA MET A 523 3.94 -9.77 8.62
C MET A 523 4.73 -11.02 8.25
N LYS A 524 4.24 -11.73 7.23
CA LYS A 524 4.91 -12.92 6.71
C LYS A 524 4.61 -13.14 5.23
N LEU A 525 5.55 -13.82 4.55
CA LEU A 525 5.45 -14.28 3.17
C LEU A 525 5.57 -15.81 3.16
N VAL A 526 4.55 -16.49 2.64
CA VAL A 526 4.52 -17.95 2.55
C VAL A 526 4.93 -18.32 1.12
N CYS A 527 6.06 -19.06 0.96
CA CYS A 527 6.68 -19.24 -0.35
C CYS A 527 6.87 -20.71 -0.71
N ARG A 528 6.97 -21.01 -2.01
CA ARG A 528 7.17 -22.37 -2.53
C ARG A 528 8.61 -22.57 -3.00
N LYS A 529 9.36 -23.39 -2.25
CA LYS A 529 10.79 -23.58 -2.50
C LYS A 529 11.06 -24.05 -3.93
N SER A 530 10.35 -25.10 -4.37
CA SER A 530 10.65 -25.72 -5.66
C SER A 530 10.18 -24.90 -6.86
N ASP A 531 9.50 -23.76 -6.64
CA ASP A 531 9.09 -22.89 -7.75
C ASP A 531 9.73 -21.51 -7.61
N ASN A 532 11.07 -21.47 -7.57
CA ASN A 532 11.84 -20.22 -7.49
C ASN A 532 11.43 -19.36 -6.29
N MET A 533 10.95 -20.00 -5.21
CA MET A 533 10.48 -19.30 -4.01
C MET A 533 9.31 -18.36 -4.33
N ARG A 534 8.34 -18.89 -5.09
CA ARG A 534 7.15 -18.13 -5.46
C ARG A 534 6.35 -17.71 -4.21
N VAL A 535 5.85 -16.48 -4.20
CA VAL A 535 5.03 -16.02 -3.07
C VAL A 535 3.64 -16.61 -3.23
N LEU A 536 3.31 -17.59 -2.38
CA LEU A 536 1.98 -18.19 -2.39
C LEU A 536 0.97 -17.39 -1.57
N GLY A 537 1.43 -16.72 -0.50
CA GLY A 537 0.54 -15.91 0.32
C GLY A 537 1.26 -14.80 1.08
N LEU A 538 0.61 -13.64 1.21
CA LEU A 538 1.11 -12.48 1.96
C LEU A 538 0.12 -12.09 3.05
N HIS A 539 0.62 -11.81 4.26
CA HIS A 539 -0.21 -11.51 5.43
C HIS A 539 0.38 -10.35 6.22
N VAL A 540 -0.43 -9.36 6.60
CA VAL A 540 0.06 -8.24 7.40
C VAL A 540 -0.99 -7.83 8.42
N LEU A 541 -0.57 -7.71 9.68
CA LEU A 541 -1.36 -7.16 10.78
C LEU A 541 -0.75 -5.82 11.18
N GLY A 542 -1.50 -4.72 10.99
CA GLY A 542 -0.98 -3.39 11.34
C GLY A 542 -1.90 -2.27 10.86
N PRO A 543 -1.57 -1.03 11.15
CA PRO A 543 -2.41 0.08 10.69
C PRO A 543 -2.39 0.19 9.17
N ASN A 544 -3.54 0.64 8.62
CA ASN A 544 -3.69 0.88 7.18
C ASN A 544 -3.34 -0.37 6.35
N ALA A 545 -3.75 -1.54 6.86
CA ALA A 545 -3.36 -2.81 6.23
C ALA A 545 -3.94 -2.96 4.82
N GLY A 546 -5.10 -2.36 4.56
CA GLY A 546 -5.65 -2.42 3.22
C GLY A 546 -4.85 -1.61 2.21
N GLU A 547 -4.39 -0.42 2.63
CA GLU A 547 -3.49 0.34 1.75
C GLU A 547 -2.18 -0.40 1.55
N ILE A 548 -1.66 -1.04 2.60
CA ILE A 548 -0.41 -1.80 2.48
C ILE A 548 -0.55 -2.91 1.45
N THR A 549 -1.62 -3.73 1.58
CA THR A 549 -1.76 -4.98 0.82
C THR A 549 -2.07 -4.77 -0.65
N GLN A 550 -2.85 -3.73 -0.99
CA GLN A 550 -3.43 -3.63 -2.34
C GLN A 550 -2.36 -3.72 -3.44
N GLY A 551 -1.30 -2.91 -3.34
CA GLY A 551 -0.29 -2.90 -4.40
C GLY A 551 0.37 -4.25 -4.61
N TYR A 552 0.67 -4.97 -3.53
CA TYR A 552 1.26 -6.30 -3.67
C TYR A 552 0.36 -7.29 -4.40
N ALA A 553 -0.97 -7.07 -4.44
CA ALA A 553 -1.85 -7.99 -5.15
C ALA A 553 -1.56 -8.00 -6.65
N VAL A 554 -1.11 -6.88 -7.21
CA VAL A 554 -0.71 -6.86 -8.62
C VAL A 554 0.54 -7.72 -8.84
N ALA A 555 1.52 -7.60 -7.94
CA ALA A 555 2.75 -8.40 -8.10
C ALA A 555 2.46 -9.90 -7.94
N ILE A 556 1.58 -10.26 -7.01
CA ILE A 556 1.23 -11.67 -6.84
C ILE A 556 0.48 -12.19 -8.06
N LYS A 557 -0.41 -11.38 -8.63
CA LYS A 557 -1.08 -11.73 -9.88
C LYS A 557 -0.07 -12.05 -10.98
N MET A 558 1.05 -11.33 -11.01
CA MET A 558 2.09 -11.52 -12.02
C MET A 558 3.08 -12.61 -11.67
N GLY A 559 2.90 -13.32 -10.55
CA GLY A 559 3.78 -14.40 -10.15
C GLY A 559 5.05 -13.99 -9.39
N ALA A 560 4.95 -13.01 -8.49
CA ALA A 560 6.11 -12.54 -7.76
C ALA A 560 6.79 -13.67 -6.98
N THR A 561 8.13 -13.62 -6.92
CA THR A 561 8.94 -14.51 -6.10
C THR A 561 9.57 -13.70 -4.97
N LYS A 562 10.16 -14.42 -4.00
CA LYS A 562 10.89 -13.74 -2.93
C LYS A 562 12.00 -12.85 -3.49
N ALA A 563 12.62 -13.26 -4.61
CA ALA A 563 13.68 -12.46 -5.21
C ALA A 563 13.15 -11.11 -5.71
N ASP A 564 11.91 -11.07 -6.20
CA ASP A 564 11.33 -9.80 -6.65
C ASP A 564 11.11 -8.84 -5.50
N PHE A 565 10.68 -9.36 -4.34
CA PHE A 565 10.58 -8.53 -3.14
C PHE A 565 11.96 -8.04 -2.71
N ASP A 566 12.99 -8.88 -2.86
CA ASP A 566 14.31 -8.51 -2.35
C ASP A 566 14.96 -7.42 -3.20
N ARG A 567 14.78 -7.48 -4.52
CA ARG A 567 15.43 -6.50 -5.40
C ARG A 567 14.71 -5.16 -5.44
N THR A 568 13.44 -5.11 -5.02
CA THR A 568 12.71 -3.86 -4.90
C THR A 568 13.14 -3.11 -3.63
N ILE A 569 13.37 -1.79 -3.75
CA ILE A 569 13.84 -0.98 -2.60
C ILE A 569 12.64 -0.44 -1.83
N GLY A 570 12.78 -0.34 -0.49
CA GLY A 570 11.69 0.19 0.32
C GLY A 570 11.55 1.71 0.25
N ILE A 571 10.35 2.18 0.65
CA ILE A 571 10.07 3.59 0.95
C ILE A 571 10.15 3.81 2.46
N HIS A 572 10.97 4.77 2.90
CA HIS A 572 11.23 5.03 4.33
C HIS A 572 10.79 6.43 4.75
N PRO A 573 10.12 6.59 5.90
CA PRO A 573 9.66 5.55 6.86
C PRO A 573 8.22 5.14 6.60
N THR A 574 7.99 3.85 6.35
CA THR A 574 6.65 3.27 6.20
C THR A 574 6.59 1.93 6.93
N CYS A 575 5.37 1.47 7.21
CA CYS A 575 5.18 0.07 7.61
C CYS A 575 5.41 -0.89 6.45
N SER A 576 4.94 -0.55 5.24
CA SER A 576 4.99 -1.50 4.13
C SER A 576 6.42 -1.89 3.74
N GLU A 577 7.42 -1.01 3.94
CA GLU A 577 8.79 -1.33 3.52
C GLU A 577 9.35 -2.57 4.19
N THR A 578 8.79 -2.98 5.32
CA THR A 578 9.31 -4.18 6.00
C THR A 578 9.19 -5.42 5.11
N PHE A 579 8.28 -5.43 4.12
CA PHE A 579 8.20 -6.57 3.19
C PHE A 579 9.41 -6.67 2.27
N THR A 580 10.20 -5.60 2.11
CA THR A 580 11.30 -5.60 1.14
C THR A 580 12.62 -6.11 1.71
N THR A 581 12.71 -6.34 3.02
CA THR A 581 13.95 -6.77 3.67
C THR A 581 13.76 -7.99 4.55
N LEU A 582 12.67 -8.74 4.40
CA LEU A 582 12.43 -9.92 5.24
C LEU A 582 13.52 -10.96 5.05
N HIS A 583 13.93 -11.60 6.16
CA HIS A 583 14.99 -12.61 6.09
C HIS A 583 14.89 -13.75 7.11
N VAL A 584 14.24 -13.54 8.26
CA VAL A 584 14.09 -14.61 9.25
C VAL A 584 13.10 -15.65 8.74
N THR A 585 13.53 -16.92 8.67
CA THR A 585 12.63 -18.02 8.30
C THR A 585 12.09 -18.69 9.54
N LYS A 586 10.88 -19.27 9.44
CA LYS A 586 10.34 -20.02 10.57
C LYS A 586 11.17 -21.26 10.87
N LYS A 587 11.73 -21.90 9.85
CA LYS A 587 12.47 -23.13 10.12
C LYS A 587 13.78 -22.88 10.87
N SER A 588 14.34 -21.67 10.76
CA SER A 588 15.55 -21.34 11.50
C SER A 588 15.31 -21.31 13.01
N GLY A 589 14.08 -21.10 13.45
CA GLY A 589 13.80 -20.89 14.85
C GLY A 589 14.19 -19.55 15.43
N VAL A 590 14.79 -18.65 14.62
CA VAL A 590 15.23 -17.34 15.09
C VAL A 590 14.01 -16.47 15.41
N SER A 591 14.11 -15.65 16.47
CA SER A 591 12.99 -14.81 16.88
C SER A 591 12.67 -13.74 15.83
N PRO A 592 11.40 -13.48 15.57
CA PRO A 592 11.01 -12.39 14.65
C PRO A 592 10.88 -11.01 15.27
N ILE A 593 11.17 -10.85 16.57
CA ILE A 593 11.04 -9.51 17.18
C ILE A 593 12.13 -8.58 16.64
N VAL A 594 11.85 -7.28 16.69
CA VAL A 594 12.82 -6.29 16.20
C VAL A 594 13.85 -5.99 17.29
N GLY B 7 34.42 -16.80 -16.00
CA GLY B 7 34.28 -18.18 -15.60
C GLY B 7 34.15 -18.39 -14.10
N THR B 8 33.95 -19.65 -13.71
CA THR B 8 33.92 -20.00 -12.30
C THR B 8 35.26 -19.73 -11.63
N SER B 9 36.36 -19.93 -12.36
CA SER B 9 37.69 -19.87 -11.75
C SER B 9 38.01 -18.47 -11.24
N GLN B 10 37.74 -17.43 -12.04
CA GLN B 10 38.10 -16.09 -11.56
C GLN B 10 37.16 -15.57 -10.49
N TRP B 11 35.90 -16.04 -10.43
CA TRP B 11 35.07 -15.75 -9.28
C TRP B 11 35.70 -16.33 -8.01
N LEU B 12 36.13 -17.59 -8.06
CA LEU B 12 36.68 -18.24 -6.88
C LEU B 12 37.91 -17.49 -6.37
N ARG B 13 38.75 -16.98 -7.29
CA ARG B 13 39.94 -16.26 -6.88
C ARG B 13 39.61 -14.95 -6.18
N LYS B 14 38.66 -14.17 -6.74
CA LYS B 14 38.25 -12.94 -6.09
C LYS B 14 37.69 -13.21 -4.70
N THR B 15 36.89 -14.29 -4.57
CA THR B 15 36.27 -14.64 -3.30
C THR B 15 37.32 -15.03 -2.25
N VAL B 16 38.31 -15.83 -2.65
CA VAL B 16 39.34 -16.27 -1.71
C VAL B 16 40.25 -15.10 -1.34
N ASP B 17 40.58 -14.25 -2.31
CA ASP B 17 41.48 -13.12 -2.05
C ASP B 17 40.85 -12.09 -1.12
N SER B 18 39.52 -11.97 -1.13
CA SER B 18 38.81 -10.91 -0.42
C SER B 18 38.24 -11.36 0.92
N ALA B 19 37.76 -12.59 1.04
CA ALA B 19 37.16 -13.08 2.26
C ALA B 19 38.15 -13.03 3.42
N ALA B 20 37.64 -12.69 4.61
CA ALA B 20 38.46 -12.70 5.81
C ALA B 20 38.62 -14.12 6.34
N VAL B 21 37.51 -14.83 6.53
CA VAL B 21 37.50 -16.23 6.97
C VAL B 21 36.32 -16.90 6.25
N ILE B 22 36.60 -17.93 5.45
CA ILE B 22 35.56 -18.58 4.67
C ILE B 22 35.77 -20.10 4.66
N LEU B 23 34.68 -20.83 4.82
CA LEU B 23 34.64 -22.29 4.83
C LEU B 23 33.88 -22.77 3.59
N PHE B 24 34.53 -23.57 2.76
CA PHE B 24 33.85 -24.27 1.67
C PHE B 24 33.40 -25.63 2.19
N SER B 25 32.11 -25.94 2.05
CA SER B 25 31.49 -27.00 2.82
C SER B 25 30.42 -27.70 2.00
N LYS B 26 29.88 -28.79 2.57
CA LYS B 26 28.66 -29.43 2.11
C LYS B 26 27.76 -29.72 3.30
N THR B 27 26.44 -29.68 3.07
CA THR B 27 25.48 -29.75 4.16
C THR B 27 25.41 -31.14 4.77
N THR B 28 25.75 -32.18 4.02
CA THR B 28 25.60 -33.56 4.43
C THR B 28 26.90 -34.18 4.94
N CYS B 29 27.97 -33.40 5.05
CA CYS B 29 29.28 -33.93 5.42
C CYS B 29 29.51 -33.74 6.92
N PRO B 30 29.57 -34.81 7.72
CA PRO B 30 29.85 -34.64 9.15
C PRO B 30 31.25 -34.14 9.44
N TYR B 31 32.18 -34.22 8.48
CA TYR B 31 33.49 -33.62 8.69
C TYR B 31 33.40 -32.09 8.67
N CYS B 32 32.64 -31.53 7.73
CA CYS B 32 32.39 -30.09 7.77
C CYS B 32 31.64 -29.69 9.02
N LYS B 33 30.64 -30.48 9.44
CA LYS B 33 29.91 -30.14 10.66
C LYS B 33 30.83 -30.12 11.86
N LYS B 34 31.78 -31.06 11.95
CA LYS B 34 32.75 -31.03 13.04
C LYS B 34 33.57 -29.75 13.02
N VAL B 35 33.96 -29.30 11.83
CA VAL B 35 34.76 -28.07 11.74
C VAL B 35 33.91 -26.86 12.10
N LYS B 36 32.63 -26.86 11.70
CA LYS B 36 31.74 -25.76 12.03
C LYS B 36 31.58 -25.60 13.54
N ASP B 37 31.28 -26.71 14.24
CA ASP B 37 31.07 -26.64 15.69
C ASP B 37 32.35 -26.28 16.42
N VAL B 38 33.51 -26.62 15.87
CA VAL B 38 34.78 -26.14 16.41
C VAL B 38 34.87 -24.62 16.31
N LEU B 39 34.64 -24.08 15.10
CA LEU B 39 34.73 -22.64 14.91
C LEU B 39 33.72 -21.89 15.76
N ALA B 40 32.54 -22.48 16.00
CA ALA B 40 31.54 -21.85 16.84
C ALA B 40 31.98 -21.79 18.30
N GLU B 41 32.56 -22.89 18.80
CA GLU B 41 33.04 -22.90 20.18
C GLU B 41 34.18 -21.91 20.37
N ALA B 42 35.08 -21.79 19.39
CA ALA B 42 36.19 -20.86 19.45
C ALA B 42 35.78 -19.42 19.22
N LYS B 43 34.49 -19.15 19.01
CA LYS B 43 33.97 -17.80 18.74
C LYS B 43 34.54 -17.23 17.45
N ILE B 44 34.84 -18.07 16.48
CA ILE B 44 35.40 -17.64 15.20
C ILE B 44 34.26 -17.52 14.19
N LYS B 45 33.97 -16.29 13.75
CA LYS B 45 32.95 -16.04 12.74
C LYS B 45 33.55 -16.18 11.35
N HIS B 46 32.71 -16.59 10.39
CA HIS B 46 33.20 -16.91 9.06
C HIS B 46 32.03 -17.00 8.08
N ALA B 47 32.34 -16.80 6.81
CA ALA B 47 31.42 -17.11 5.72
C ALA B 47 31.48 -18.60 5.39
N THR B 48 30.39 -19.11 4.80
CA THR B 48 30.27 -20.50 4.41
C THR B 48 29.67 -20.60 3.02
N ILE B 49 30.29 -21.41 2.16
CA ILE B 49 29.81 -21.66 0.79
C ILE B 49 29.46 -23.15 0.71
N GLU B 50 28.18 -23.48 0.86
CA GLU B 50 27.71 -24.86 0.72
C GLU B 50 27.69 -25.25 -0.75
N LEU B 51 28.58 -26.17 -1.16
CA LEU B 51 28.72 -26.49 -2.58
C LEU B 51 27.60 -27.37 -3.11
N ASP B 52 27.00 -28.22 -2.27
CA ASP B 52 25.88 -29.06 -2.71
C ASP B 52 24.61 -28.25 -2.96
N GLN B 53 24.65 -26.94 -2.79
CA GLN B 53 23.49 -26.08 -3.02
C GLN B 53 23.73 -25.09 -4.16
N LEU B 54 24.86 -25.20 -4.84
CA LEU B 54 25.20 -24.38 -5.99
C LEU B 54 25.15 -25.25 -7.24
N SER B 55 24.64 -24.69 -8.33
CA SER B 55 24.41 -25.52 -9.53
C SER B 55 25.73 -26.03 -10.09
N ASN B 56 26.79 -25.22 -10.03
CA ASN B 56 28.11 -25.64 -10.50
C ASN B 56 29.07 -25.88 -9.34
N GLY B 57 28.57 -26.45 -8.24
CA GLY B 57 29.45 -26.81 -7.14
C GLY B 57 30.56 -27.76 -7.52
N SER B 58 30.30 -28.64 -8.48
CA SER B 58 31.31 -29.61 -8.93
C SER B 58 32.53 -28.90 -9.50
N ALA B 59 32.31 -27.91 -10.37
CA ALA B 59 33.42 -27.20 -10.98
C ALA B 59 34.20 -26.37 -9.97
N ILE B 60 33.52 -25.83 -8.95
CA ILE B 60 34.20 -25.03 -7.93
C ILE B 60 35.16 -25.92 -7.13
N GLN B 61 34.70 -27.11 -6.74
CA GLN B 61 35.54 -28.06 -6.02
C GLN B 61 36.87 -28.26 -6.74
N LYS B 62 36.82 -28.50 -8.06
CA LYS B 62 38.04 -28.70 -8.83
C LYS B 62 38.94 -27.47 -8.76
N CYS B 63 38.35 -26.27 -8.77
CA CYS B 63 39.17 -25.05 -8.77
C CYS B 63 39.82 -24.78 -7.42
N LEU B 64 39.19 -25.22 -6.32
CA LEU B 64 39.80 -25.06 -4.99
C LEU B 64 41.20 -25.65 -4.96
N ALA B 65 41.42 -26.75 -5.68
CA ALA B 65 42.72 -27.41 -5.67
C ALA B 65 43.83 -26.49 -6.17
N SER B 66 43.49 -25.50 -6.99
CA SER B 66 44.49 -24.55 -7.45
C SER B 66 45.08 -23.73 -6.31
N PHE B 67 44.41 -23.71 -5.16
CA PHE B 67 44.90 -23.07 -3.94
C PHE B 67 45.40 -24.06 -2.91
N SER B 68 44.70 -25.21 -2.77
CA SER B 68 44.93 -26.13 -1.67
C SER B 68 45.54 -27.45 -2.10
N LYS B 69 45.56 -27.76 -3.40
CA LYS B 69 45.97 -29.06 -3.94
C LYS B 69 45.09 -30.21 -3.45
N ILE B 70 43.89 -29.92 -2.92
CA ILE B 70 42.91 -30.96 -2.64
C ILE B 70 41.57 -30.57 -3.25
N GLU B 71 40.73 -31.59 -3.49
CA GLU B 71 39.43 -31.41 -4.12
C GLU B 71 38.29 -31.85 -3.20
N THR B 72 38.57 -32.10 -1.93
CA THR B 72 37.58 -32.57 -0.98
C THR B 72 37.05 -31.39 -0.17
N VAL B 73 36.13 -31.69 0.73
CA VAL B 73 35.47 -30.68 1.56
C VAL B 73 35.52 -31.24 2.97
N PRO B 74 35.72 -30.42 4.03
CA PRO B 74 35.83 -28.95 4.05
C PRO B 74 37.21 -28.41 3.70
N GLN B 75 37.25 -27.13 3.27
CA GLN B 75 38.49 -26.38 3.13
C GLN B 75 38.30 -25.00 3.75
N MET B 76 39.20 -24.64 4.66
CA MET B 76 39.16 -23.36 5.37
C MET B 76 40.24 -22.44 4.84
N PHE B 77 39.87 -21.18 4.58
CA PHE B 77 40.80 -20.14 4.16
C PHE B 77 40.70 -18.94 5.10
N VAL B 78 41.81 -18.21 5.22
CA VAL B 78 41.88 -16.99 6.03
C VAL B 78 42.67 -15.97 5.24
N ARG B 79 42.02 -14.87 4.87
CA ARG B 79 42.66 -13.74 4.19
C ARG B 79 43.52 -14.19 3.01
N GLY B 80 42.93 -15.05 2.16
CA GLY B 80 43.54 -15.49 0.93
C GLY B 80 44.43 -16.72 1.02
N LYS B 81 44.67 -17.24 2.21
CA LYS B 81 45.57 -18.37 2.42
C LYS B 81 44.79 -19.61 2.82
N PHE B 82 45.12 -20.75 2.20
CA PHE B 82 44.52 -22.02 2.60
C PHE B 82 45.07 -22.43 3.96
N ILE B 83 44.19 -22.84 4.87
CA ILE B 83 44.55 -23.13 6.25
C ILE B 83 44.59 -24.62 6.52
N GLY B 84 43.62 -25.39 6.02
CA GLY B 84 43.66 -26.83 6.20
C GLY B 84 42.32 -27.48 5.98
N ASP B 85 42.35 -28.81 6.04
CA ASP B 85 41.15 -29.64 6.01
C ASP B 85 40.74 -29.95 7.46
N SER B 86 39.94 -31.00 7.65
CA SER B 86 39.40 -31.28 8.99
C SER B 86 40.50 -31.62 9.98
N GLN B 87 41.37 -32.59 9.65
CA GLN B 87 42.46 -32.96 10.57
C GLN B 87 43.32 -31.74 10.90
N THR B 88 43.72 -30.96 9.89
CA THR B 88 44.65 -29.86 10.14
C THR B 88 44.03 -28.77 11.01
N VAL B 89 42.76 -28.43 10.79
CA VAL B 89 42.12 -27.40 11.59
C VAL B 89 41.98 -27.87 13.04
N LEU B 90 41.59 -29.13 13.24
CA LEU B 90 41.51 -29.65 14.60
C LEU B 90 42.87 -29.76 15.27
N LYS B 91 43.94 -29.95 14.50
CA LYS B 91 45.30 -29.92 15.05
C LYS B 91 45.61 -28.53 15.61
N TYR B 92 45.34 -27.49 14.83
CA TYR B 92 45.56 -26.13 15.33
C TYR B 92 44.70 -25.84 16.56
N TYR B 93 43.44 -26.31 16.56
CA TYR B 93 42.54 -26.07 17.68
C TYR B 93 43.08 -26.70 18.96
N SER B 94 43.43 -27.99 18.90
CA SER B 94 43.88 -28.69 20.11
C SER B 94 45.28 -28.26 20.54
N ASN B 95 46.06 -27.64 19.65
CA ASN B 95 47.38 -27.12 19.99
C ASN B 95 47.37 -25.63 20.33
N ASP B 96 46.20 -25.08 20.68
CA ASP B 96 45.96 -23.66 20.90
C ASP B 96 46.69 -22.76 19.91
N GLU B 97 46.69 -23.15 18.62
CA GLU B 97 47.28 -22.34 17.56
C GLU B 97 46.25 -21.69 16.65
N LEU B 98 44.97 -22.02 16.79
CA LEU B 98 43.95 -21.55 15.85
C LEU B 98 43.74 -20.04 15.93
N ALA B 99 43.56 -19.52 17.16
CA ALA B 99 43.21 -18.11 17.32
C ALA B 99 44.28 -17.20 16.74
N GLY B 100 45.55 -17.57 16.91
CA GLY B 100 46.62 -16.78 16.31
C GLY B 100 46.58 -16.77 14.79
N ILE B 101 46.18 -17.89 14.19
CA ILE B 101 46.21 -18.00 12.73
C ILE B 101 45.06 -17.20 12.11
N VAL B 102 43.88 -17.24 12.72
CA VAL B 102 42.74 -16.51 12.18
C VAL B 102 42.85 -15.01 12.40
N ASN B 103 43.73 -14.55 13.31
CA ASN B 103 43.92 -13.12 13.55
C ASN B 103 45.11 -12.53 12.81
N GLU B 104 45.89 -13.35 12.10
CA GLU B 104 47.04 -12.85 11.35
C GLU B 104 46.58 -11.97 10.20
N SER B 105 47.05 -10.71 10.18
CA SER B 105 46.68 -9.82 9.10
C SER B 105 47.76 -8.77 8.85
N LYS B 106 47.88 -8.38 7.58
CA LYS B 106 48.74 -7.28 7.19
C LYS B 106 48.26 -5.94 7.76
N TYR B 107 46.96 -5.80 8.01
CA TYR B 107 46.34 -4.54 8.37
C TYR B 107 45.71 -4.61 9.75
N ASP B 108 45.46 -3.43 10.34
CA ASP B 108 44.74 -3.40 11.61
C ASP B 108 43.32 -3.95 11.45
N TYR B 109 42.68 -3.68 10.31
CA TYR B 109 41.30 -4.11 10.11
C TYR B 109 41.11 -4.66 8.70
N ASP B 110 40.17 -5.60 8.56
CA ASP B 110 39.73 -6.02 7.23
C ASP B 110 38.91 -4.92 6.52
N LEU B 111 38.14 -4.13 7.27
CA LEU B 111 37.28 -3.10 6.73
C LEU B 111 37.30 -1.88 7.66
N ILE B 112 37.46 -0.69 7.09
CA ILE B 112 37.26 0.55 7.82
C ILE B 112 36.14 1.31 7.11
N VAL B 113 35.10 1.67 7.84
CA VAL B 113 34.00 2.49 7.32
C VAL B 113 34.17 3.91 7.85
N ILE B 114 34.29 4.89 6.95
CA ILE B 114 34.29 6.30 7.34
C ILE B 114 32.86 6.81 7.20
N GLY B 115 32.21 7.08 8.32
CA GLY B 115 30.84 7.55 8.34
C GLY B 115 29.89 6.58 9.01
N GLY B 116 29.26 6.99 10.10
CA GLY B 116 28.36 6.09 10.83
C GLY B 116 26.89 6.41 10.65
N GLY B 117 26.44 6.48 9.39
CA GLY B 117 25.05 6.76 9.06
C GLY B 117 24.30 5.59 8.45
N SER B 118 23.29 5.88 7.62
CA SER B 118 22.41 4.83 7.11
C SER B 118 23.18 3.74 6.39
N GLY B 119 24.06 4.12 5.46
CA GLY B 119 24.83 3.14 4.70
C GLY B 119 25.99 2.54 5.46
N GLY B 120 26.74 3.38 6.17
CA GLY B 120 27.95 2.89 6.80
C GLY B 120 27.69 1.89 7.92
N LEU B 121 26.69 2.15 8.78
CA LEU B 121 26.39 1.20 9.85
C LEU B 121 25.87 -0.11 9.29
N ALA B 122 25.09 -0.06 8.20
CA ALA B 122 24.58 -1.28 7.59
C ALA B 122 25.71 -2.11 6.96
N ALA B 123 26.65 -1.45 6.27
CA ALA B 123 27.79 -2.16 5.71
C ALA B 123 28.65 -2.79 6.80
N GLY B 124 28.95 -2.03 7.84
CA GLY B 124 29.83 -2.52 8.89
C GLY B 124 29.27 -3.73 9.62
N LYS B 125 27.98 -3.66 10.01
CA LYS B 125 27.38 -4.80 10.70
C LYS B 125 27.35 -6.04 9.82
N GLU B 126 26.99 -5.88 8.55
CA GLU B 126 26.93 -7.03 7.66
C GLU B 126 28.31 -7.66 7.45
N ALA B 127 29.34 -6.83 7.30
CA ALA B 127 30.70 -7.35 7.14
C ALA B 127 31.13 -8.18 8.34
N ALA B 128 30.85 -7.70 9.55
CA ALA B 128 31.30 -8.40 10.75
C ALA B 128 30.67 -9.79 10.87
N LYS B 129 29.47 -9.98 10.31
CA LYS B 129 28.83 -11.28 10.35
C LYS B 129 29.61 -12.37 9.63
N TYR B 130 30.50 -12.00 8.70
CA TYR B 130 31.31 -12.97 7.98
C TYR B 130 32.76 -13.04 8.46
N GLY B 131 33.04 -12.53 9.66
CA GLY B 131 34.37 -12.60 10.21
C GLY B 131 35.30 -11.48 9.83
N ALA B 132 34.83 -10.50 9.05
CA ALA B 132 35.65 -9.34 8.77
C ALA B 132 35.86 -8.52 10.05
N LYS B 133 37.13 -8.23 10.37
CA LYS B 133 37.43 -7.38 11.51
C LYS B 133 37.23 -5.93 11.10
N THR B 134 36.27 -5.24 11.73
CA THR B 134 35.70 -4.02 11.19
C THR B 134 35.75 -2.87 12.20
N ALA B 135 36.07 -1.68 11.70
CA ALA B 135 35.96 -0.44 12.44
C ALA B 135 34.95 0.49 11.74
N VAL B 136 34.12 1.16 12.53
CA VAL B 136 33.22 2.20 12.03
C VAL B 136 33.59 3.52 12.70
N LEU B 137 33.93 4.53 11.89
CA LEU B 137 34.28 5.86 12.35
C LEU B 137 33.11 6.82 12.13
N ASP B 138 32.75 7.58 13.17
CA ASP B 138 31.71 8.61 13.04
C ASP B 138 32.02 9.84 13.87
N TYR B 139 31.82 11.01 13.26
CA TYR B 139 31.97 12.32 13.86
C TYR B 139 30.90 13.23 13.28
N VAL B 140 30.30 14.07 14.12
CA VAL B 140 29.32 15.07 13.69
C VAL B 140 29.93 16.46 13.89
N GLU B 141 30.31 17.10 12.79
CA GLU B 141 30.75 18.49 12.82
C GLU B 141 29.59 19.39 13.22
N PRO B 142 29.74 20.24 14.23
CA PRO B 142 28.60 21.05 14.68
C PRO B 142 28.18 22.09 13.65
N THR B 143 26.89 22.43 13.68
CA THR B 143 26.36 23.49 12.83
C THR B 143 26.95 24.84 13.25
N PRO B 144 26.76 25.90 12.45
CA PRO B 144 27.24 27.24 12.87
C PRO B 144 26.80 27.68 14.25
N ILE B 145 25.58 27.36 14.71
CA ILE B 145 25.16 27.76 16.06
C ILE B 145 25.59 26.75 17.12
N GLY B 146 26.20 25.63 16.72
CA GLY B 146 26.76 24.67 17.64
C GLY B 146 26.00 23.36 17.83
N THR B 147 24.92 23.13 17.07
CA THR B 147 24.13 21.91 17.24
C THR B 147 24.93 20.67 16.85
N THR B 148 24.84 19.62 17.68
CA THR B 148 25.47 18.33 17.40
C THR B 148 24.51 17.24 17.87
N TRP B 149 24.81 15.98 17.51
CA TRP B 149 23.94 14.85 17.85
C TRP B 149 24.78 13.57 17.83
N GLY B 150 24.14 12.43 18.11
CA GLY B 150 24.82 11.16 18.30
C GLY B 150 24.88 10.27 17.07
N LEU B 151 25.19 8.99 17.30
CA LEU B 151 25.46 8.03 16.23
C LEU B 151 24.21 7.70 15.43
N GLY B 152 24.37 7.51 14.11
CA GLY B 152 23.27 7.03 13.28
C GLY B 152 23.02 7.76 11.97
N GLY B 153 23.58 8.97 11.79
CA GLY B 153 23.51 9.64 10.52
C GLY B 153 22.40 10.67 10.40
N THR B 154 22.22 11.15 9.16
CA THR B 154 21.27 12.24 8.88
C THR B 154 19.83 11.80 9.08
N CYS B 155 19.46 10.65 8.53
CA CYS B 155 18.09 10.15 8.67
C CYS B 155 17.65 10.04 10.13
N VAL B 156 18.45 9.31 10.93
CA VAL B 156 18.14 9.04 12.34
C VAL B 156 17.99 10.33 13.15
N ASN B 157 18.95 11.25 13.00
CA ASN B 157 19.09 12.39 13.91
C ASN B 157 18.43 13.66 13.44
N VAL B 158 18.52 14.00 12.14
CA VAL B 158 18.09 15.30 11.63
C VAL B 158 17.43 15.15 10.25
N GLY B 159 16.72 14.03 10.03
CA GLY B 159 16.17 13.68 8.72
C GLY B 159 14.85 12.90 8.78
N CYS B 160 14.80 11.72 8.13
CA CYS B 160 13.52 11.00 7.95
C CYS B 160 12.78 10.79 9.27
N ILE B 161 13.49 10.42 10.33
CA ILE B 161 12.85 10.03 11.58
C ILE B 161 12.20 11.23 12.26
N PRO B 162 12.93 12.30 12.64
CA PRO B 162 12.26 13.42 13.30
C PRO B 162 11.29 14.14 12.38
N LYS B 163 11.61 14.21 11.08
CA LYS B 163 10.71 14.88 10.13
C LYS B 163 9.34 14.19 10.11
N LYS B 164 9.31 12.86 10.06
CA LYS B 164 8.01 12.17 9.94
C LYS B 164 7.25 12.15 11.27
N LEU B 165 7.98 12.18 12.38
CA LEU B 165 7.32 12.32 13.68
C LEU B 165 6.66 13.69 13.83
N MET B 166 7.31 14.77 13.35
CA MET B 166 6.67 16.08 13.41
C MET B 166 5.56 16.21 12.37
N HIS B 167 5.71 15.57 11.20
CA HIS B 167 4.59 15.42 10.26
C HIS B 167 3.38 14.75 10.93
N GLN B 168 3.62 13.72 11.75
CA GLN B 168 2.52 13.05 12.43
C GLN B 168 1.84 13.98 13.46
N ALA B 169 2.63 14.77 14.19
CA ALA B 169 2.05 15.76 15.10
C ALA B 169 1.15 16.72 14.33
N GLY B 170 1.55 17.09 13.11
CA GLY B 170 0.71 17.96 12.31
C GLY B 170 -0.53 17.26 11.79
N LEU B 171 -0.39 16.01 11.32
CA LEU B 171 -1.56 15.24 10.90
C LEU B 171 -2.60 15.12 12.01
N LEU B 172 -2.15 15.06 13.28
CA LEU B 172 -3.11 14.87 14.36
C LEU B 172 -3.99 16.09 14.60
N SER B 173 -3.59 17.28 14.12
CA SER B 173 -4.48 18.43 14.20
C SER B 173 -5.75 18.19 13.41
N HIS B 174 -5.64 17.64 12.21
CA HIS B 174 -6.84 17.36 11.42
C HIS B 174 -7.60 16.16 11.98
N ALA B 175 -6.90 15.25 12.66
CA ALA B 175 -7.58 14.19 13.38
C ALA B 175 -8.48 14.76 14.49
N LEU B 176 -7.99 15.78 15.21
CA LEU B 176 -8.79 16.45 16.22
C LEU B 176 -10.02 17.14 15.61
N GLU B 177 -9.83 17.84 14.48
CA GLU B 177 -10.97 18.46 13.79
C GLU B 177 -11.98 17.42 13.34
N ASP B 178 -11.50 16.31 12.74
CA ASP B 178 -12.42 15.30 12.22
C ASP B 178 -13.22 14.62 13.34
N ALA B 179 -12.60 14.43 14.52
CA ALA B 179 -13.25 13.70 15.60
C ALA B 179 -14.63 14.26 15.94
N GLU B 180 -14.82 15.58 15.84
CA GLU B 180 -16.11 16.19 16.13
C GLU B 180 -17.21 15.67 15.20
N HIS B 181 -16.91 15.59 13.90
CA HIS B 181 -17.92 15.12 12.96
C HIS B 181 -18.24 13.65 13.13
N PHE B 182 -17.30 12.86 13.66
CA PHE B 182 -17.54 11.44 13.92
C PHE B 182 -18.15 11.19 15.31
N GLY B 183 -18.48 12.25 16.06
CA GLY B 183 -19.27 12.12 17.28
C GLY B 183 -18.56 12.41 18.59
N TRP B 184 -17.26 12.72 18.58
CA TRP B 184 -16.53 12.95 19.82
C TRP B 184 -16.75 14.39 20.32
N SER B 185 -16.77 14.55 21.64
CA SER B 185 -17.28 15.76 22.28
C SER B 185 -16.27 16.90 22.40
N LEU B 186 -15.07 16.76 21.87
CA LEU B 186 -14.06 17.82 22.05
C LEU B 186 -14.35 19.02 21.16
N ASP B 187 -13.75 20.17 21.54
CA ASP B 187 -13.83 21.41 20.77
C ASP B 187 -12.43 21.79 20.28
N ARG B 188 -12.17 21.55 18.99
CA ARG B 188 -10.84 21.76 18.41
C ARG B 188 -10.32 23.18 18.64
N SER B 189 -11.21 24.19 18.62
CA SER B 189 -10.75 25.58 18.65
C SER B 189 -10.15 25.96 20.00
N LYS B 190 -10.37 25.16 21.05
CA LYS B 190 -9.80 25.44 22.36
C LYS B 190 -8.56 24.60 22.67
N ILE B 191 -8.00 23.90 21.69
CA ILE B 191 -6.84 23.05 21.90
C ILE B 191 -5.65 23.68 21.17
N SER B 192 -4.49 23.72 21.82
CA SER B 192 -3.28 24.32 21.27
C SER B 192 -2.11 23.33 21.35
N HIS B 193 -1.03 23.65 20.63
CA HIS B 193 0.16 22.80 20.59
C HIS B 193 1.32 23.38 21.37
N ASN B 194 2.11 22.48 22.00
CA ASN B 194 3.30 22.83 22.79
C ASN B 194 4.54 22.26 22.09
N TRP B 195 5.34 23.14 21.49
CA TRP B 195 6.52 22.74 20.73
C TRP B 195 7.51 21.93 21.58
N SER B 196 7.86 22.43 22.76
CA SER B 196 8.93 21.78 23.49
C SER B 196 8.52 20.40 24.01
N THR B 197 7.23 20.21 24.31
CA THR B 197 6.77 18.86 24.68
C THR B 197 6.98 17.88 23.52
N MET B 198 6.64 18.30 22.30
CA MET B 198 6.90 17.48 21.12
C MET B 198 8.39 17.16 20.95
N VAL B 199 9.24 18.20 20.96
CA VAL B 199 10.67 18.00 20.75
C VAL B 199 11.25 17.03 21.80
N GLU B 200 10.79 17.15 23.05
CA GLU B 200 11.30 16.25 24.08
C GLU B 200 10.98 14.79 23.75
N GLY B 201 9.77 14.52 23.29
CA GLY B 201 9.43 13.14 22.93
C GLY B 201 10.18 12.65 21.71
N VAL B 202 10.32 13.52 20.69
CA VAL B 202 11.07 13.15 19.48
C VAL B 202 12.51 12.86 19.84
N GLN B 203 13.12 13.73 20.65
CA GLN B 203 14.52 13.56 21.02
C GLN B 203 14.74 12.36 21.92
N SER B 204 13.75 12.00 22.75
CA SER B 204 13.86 10.77 23.52
C SER B 204 13.91 9.54 22.60
N HIS B 205 13.10 9.53 21.55
CA HIS B 205 13.16 8.40 20.61
C HIS B 205 14.49 8.38 19.87
N ILE B 206 14.99 9.52 19.43
CA ILE B 206 16.28 9.56 18.75
C ILE B 206 17.38 9.05 19.68
N GLY B 207 17.31 9.42 20.97
CA GLY B 207 18.29 8.93 21.92
C GLY B 207 18.30 7.42 22.03
N SER B 208 17.12 6.80 22.04
CA SER B 208 17.07 5.34 22.08
C SER B 208 17.69 4.72 20.83
N LEU B 209 17.65 5.43 19.69
CA LEU B 209 18.29 4.90 18.48
C LEU B 209 19.82 5.05 18.55
N ASN B 210 20.33 6.21 19.02
CA ASN B 210 21.79 6.36 19.20
C ASN B 210 22.33 5.21 20.04
N TRP B 211 21.69 4.97 21.19
CA TRP B 211 22.10 3.89 22.07
C TRP B 211 21.99 2.52 21.41
N GLY B 212 20.89 2.27 20.70
CA GLY B 212 20.71 0.98 20.05
C GLY B 212 21.80 0.65 19.05
N TYR B 213 22.28 1.66 18.31
CA TYR B 213 23.35 1.43 17.36
C TYR B 213 24.68 1.15 18.06
N LYS B 214 24.99 1.87 19.14
CA LYS B 214 26.18 1.54 19.90
C LYS B 214 26.13 0.10 20.42
N VAL B 215 24.97 -0.31 20.96
CA VAL B 215 24.79 -1.68 21.45
C VAL B 215 24.94 -2.68 20.31
N ALA B 216 24.39 -2.36 19.13
CA ALA B 216 24.45 -3.28 18.00
C ALA B 216 25.88 -3.48 17.53
N LEU B 217 26.69 -2.41 17.49
CA LEU B 217 28.08 -2.55 17.09
C LEU B 217 28.85 -3.39 18.10
N ARG B 218 28.65 -3.13 19.39
CA ARG B 218 29.33 -3.92 20.42
C ARG B 218 28.97 -5.40 20.31
N ASP B 219 27.69 -5.71 20.08
CA ASP B 219 27.26 -7.10 19.97
C ASP B 219 27.67 -7.78 18.67
N ASN B 220 28.16 -7.03 17.68
CA ASN B 220 28.73 -7.63 16.47
C ASN B 220 30.25 -7.59 16.46
N GLN B 221 30.88 -7.24 17.58
CA GLN B 221 32.34 -7.10 17.71
C GLN B 221 32.92 -6.06 16.75
N VAL B 222 32.15 -5.02 16.44
CA VAL B 222 32.61 -3.91 15.62
C VAL B 222 33.23 -2.84 16.53
N THR B 223 34.43 -2.36 16.17
CA THR B 223 35.07 -1.26 16.89
C THR B 223 34.49 0.09 16.45
N TYR B 224 33.83 0.80 17.36
CA TYR B 224 33.28 2.12 17.10
C TYR B 224 34.23 3.19 17.60
N LEU B 225 34.67 4.07 16.71
CA LEU B 225 35.53 5.20 17.07
C LEU B 225 34.79 6.50 16.77
N ASN B 226 34.48 7.27 17.80
CA ASN B 226 33.90 8.60 17.65
C ASN B 226 35.05 9.55 17.29
N ALA B 227 35.40 9.56 16.00
CA ALA B 227 36.57 10.26 15.51
C ALA B 227 36.38 10.68 14.07
N LYS B 228 37.03 11.78 13.70
CA LYS B 228 37.01 12.28 12.32
C LYS B 228 38.09 11.57 11.52
N GLY B 229 37.69 10.84 10.48
CA GLY B 229 38.61 10.10 9.65
C GLY B 229 38.97 10.83 8.37
N ARG B 230 40.19 10.58 7.89
CA ARG B 230 40.69 11.17 6.65
C ARG B 230 41.57 10.14 5.96
N LEU B 231 41.24 9.81 4.71
CA LEU B 231 41.99 8.82 3.96
C LEU B 231 43.24 9.50 3.37
N ILE B 232 44.41 9.11 3.85
CA ILE B 232 45.67 9.72 3.40
C ILE B 232 46.47 8.85 2.44
N SER B 233 46.20 7.55 2.39
CA SER B 233 46.70 6.68 1.33
C SER B 233 45.69 5.55 1.17
N PRO B 234 45.82 4.72 0.11
CA PRO B 234 44.80 3.67 -0.12
C PRO B 234 44.43 2.83 1.10
N HIS B 235 45.37 2.52 2.00
CA HIS B 235 45.08 1.67 3.16
C HIS B 235 45.26 2.37 4.51
N GLU B 236 45.49 3.68 4.54
CA GLU B 236 45.77 4.40 5.78
C GLU B 236 44.71 5.46 6.03
N VAL B 237 44.11 5.43 7.22
CA VAL B 237 43.11 6.41 7.64
C VAL B 237 43.67 7.15 8.86
N GLN B 238 43.81 8.46 8.75
CA GLN B 238 44.20 9.27 9.89
C GLN B 238 42.95 9.68 10.66
N ILE B 239 42.96 9.46 11.97
CA ILE B 239 41.82 9.73 12.83
C ILE B 239 42.19 10.83 13.83
N THR B 240 41.23 11.69 14.12
CA THR B 240 41.41 12.79 15.07
C THR B 240 40.37 12.68 16.17
N ASP B 241 40.84 12.66 17.41
CA ASP B 241 40.09 12.35 18.60
C ASP B 241 39.23 13.55 19.03
N LYS B 242 38.36 13.30 20.02
CA LYS B 242 37.66 14.41 20.68
C LYS B 242 38.62 15.33 21.42
N ASN B 243 39.83 14.85 21.74
CA ASN B 243 40.85 15.65 22.40
C ASN B 243 41.94 16.12 21.43
N GLN B 244 41.68 16.07 20.13
CA GLN B 244 42.63 16.46 19.08
C GLN B 244 43.84 15.54 19.01
N LYS B 245 43.76 14.34 19.59
CA LYS B 245 44.82 13.35 19.40
C LYS B 245 44.73 12.76 17.99
N VAL B 246 45.87 12.72 17.28
CA VAL B 246 45.93 12.27 15.90
C VAL B 246 46.74 10.98 15.83
N SER B 247 46.25 10.01 15.05
CA SER B 247 46.95 8.74 14.87
C SER B 247 46.50 8.13 13.55
N THR B 248 47.02 6.95 13.23
CA THR B 248 46.78 6.30 11.94
C THR B 248 46.42 4.84 12.14
N ILE B 249 45.35 4.38 11.49
CA ILE B 249 44.99 2.97 11.48
C ILE B 249 44.99 2.50 10.03
N THR B 250 45.16 1.18 9.85
CA THR B 250 45.24 0.60 8.51
C THR B 250 44.11 -0.38 8.26
N GLY B 251 43.66 -0.44 7.01
CA GLY B 251 42.59 -1.34 6.63
C GLY B 251 42.80 -1.89 5.24
N ASN B 252 42.34 -3.12 5.02
CA ASN B 252 42.38 -3.72 3.69
C ASN B 252 41.38 -3.04 2.77
N LYS B 253 40.08 -3.18 3.05
CA LYS B 253 39.03 -2.50 2.30
C LYS B 253 38.58 -1.26 3.05
N ILE B 254 38.25 -0.20 2.30
CA ILE B 254 37.78 1.07 2.85
C ILE B 254 36.42 1.37 2.23
N ILE B 255 35.44 1.75 3.05
CA ILE B 255 34.15 2.19 2.55
C ILE B 255 33.93 3.64 2.97
N LEU B 256 33.78 4.53 1.98
CA LEU B 256 33.44 5.93 2.23
C LEU B 256 31.93 6.08 2.30
N ALA B 257 31.43 6.65 3.40
CA ALA B 257 30.00 6.75 3.63
C ALA B 257 29.70 7.97 4.50
N THR B 258 30.25 9.13 4.13
CA THR B 258 30.21 10.33 4.97
C THR B 258 29.06 11.28 4.66
N GLY B 259 28.24 11.02 3.63
CA GLY B 259 27.02 11.79 3.44
C GLY B 259 27.25 13.25 3.07
N GLU B 260 26.23 14.09 3.36
CA GLU B 260 26.19 15.51 2.98
C GLU B 260 25.73 16.37 4.15
N ARG B 261 25.82 17.69 4.00
CA ARG B 261 25.29 18.66 4.96
C ARG B 261 24.59 19.78 4.20
N PRO B 262 23.74 20.57 4.89
CA PRO B 262 23.00 21.64 4.19
C PRO B 262 23.91 22.74 3.67
N LYS B 263 23.51 23.32 2.53
CA LYS B 263 24.13 24.53 1.96
C LYS B 263 23.49 25.79 2.54
N TYR B 264 24.27 26.89 2.57
CA TYR B 264 23.76 28.24 2.78
C TYR B 264 23.97 29.10 1.54
N PRO B 265 23.06 30.01 1.22
CA PRO B 265 23.34 30.99 0.17
C PRO B 265 24.40 31.99 0.63
N GLU B 266 25.17 32.49 -0.33
CA GLU B 266 26.20 33.49 -0.05
C GLU B 266 25.58 34.87 -0.04
N ILE B 267 24.90 35.18 1.07
CA ILE B 267 24.35 36.51 1.31
C ILE B 267 24.64 36.90 2.75
N PRO B 268 24.70 38.21 3.03
CA PRO B 268 24.99 38.64 4.40
C PRO B 268 23.93 38.17 5.38
N GLY B 269 24.39 37.69 6.54
CA GLY B 269 23.52 37.31 7.63
C GLY B 269 23.01 35.88 7.59
N ALA B 270 23.20 35.16 6.48
CA ALA B 270 22.64 33.81 6.35
C ALA B 270 23.20 32.86 7.41
N VAL B 271 24.53 32.73 7.46
CA VAL B 271 25.16 31.81 8.40
C VAL B 271 24.94 32.29 9.83
N GLU B 272 25.01 33.61 10.03
CA GLU B 272 24.95 34.17 11.38
C GLU B 272 23.55 34.07 12.00
N TYR B 273 22.49 34.29 11.20
CA TYR B 273 21.17 34.54 11.79
C TYR B 273 20.08 33.55 11.38
N GLY B 274 20.29 32.77 10.31
CA GLY B 274 19.36 31.72 9.94
C GLY B 274 19.76 30.36 10.52
N ILE B 275 18.91 29.35 10.27
CA ILE B 275 19.17 27.96 10.67
C ILE B 275 18.83 27.05 9.49
N THR B 276 19.12 25.76 9.64
CA THR B 276 18.73 24.75 8.66
C THR B 276 18.00 23.61 9.37
N SER B 277 17.63 22.59 8.59
CA SER B 277 16.98 21.41 9.16
C SER B 277 17.87 20.74 10.21
N ASP B 278 19.20 20.90 10.11
CA ASP B 278 20.12 20.40 11.14
C ASP B 278 19.77 20.94 12.53
N ASP B 279 19.31 22.19 12.60
CA ASP B 279 18.99 22.82 13.87
C ASP B 279 17.53 22.64 14.27
N LEU B 280 16.65 22.44 13.28
CA LEU B 280 15.22 22.57 13.55
C LEU B 280 14.72 21.47 14.47
N PHE B 281 15.20 20.24 14.29
CA PHE B 281 14.60 19.09 14.97
C PHE B 281 14.94 19.00 16.46
N SER B 282 15.92 19.78 16.96
CA SER B 282 16.18 19.87 18.38
C SER B 282 16.03 21.29 18.94
N LEU B 283 15.41 22.20 18.17
CA LEU B 283 15.34 23.60 18.58
C LEU B 283 14.65 23.75 19.93
N PRO B 284 15.27 24.42 20.90
CA PRO B 284 14.71 24.44 22.26
C PRO B 284 13.59 25.46 22.46
N TYR B 285 13.31 26.30 21.46
CA TYR B 285 12.22 27.26 21.49
C TYR B 285 11.35 27.08 20.25
N PHE B 286 10.07 27.43 20.36
CA PHE B 286 9.19 27.39 19.19
C PHE B 286 9.70 28.40 18.16
N PRO B 287 9.81 28.03 16.88
CA PRO B 287 10.35 28.97 15.89
C PRO B 287 9.56 30.27 15.75
N GLY B 288 8.27 30.30 16.11
CA GLY B 288 7.49 31.52 15.93
C GLY B 288 7.13 31.74 14.46
N LYS B 289 6.90 33.01 14.10
CA LYS B 289 6.70 33.36 12.69
C LYS B 289 7.95 33.03 11.87
N THR B 290 7.78 32.19 10.85
CA THR B 290 8.90 31.54 10.16
C THR B 290 8.87 31.79 8.67
N LEU B 291 10.05 32.02 8.10
CA LEU B 291 10.25 32.03 6.65
C LEU B 291 11.10 30.83 6.26
N VAL B 292 10.60 30.03 5.32
CA VAL B 292 11.38 28.94 4.73
C VAL B 292 11.81 29.40 3.35
N ILE B 293 13.12 29.39 3.11
CA ILE B 293 13.70 29.79 1.83
C ILE B 293 14.11 28.52 1.09
N GLY B 294 13.50 28.28 -0.07
CA GLY B 294 13.75 27.08 -0.85
C GLY B 294 12.46 26.37 -1.21
N ALA B 295 12.60 25.34 -2.06
CA ALA B 295 11.42 24.73 -2.69
C ALA B 295 11.59 23.22 -2.90
N SER B 296 12.54 22.59 -2.22
CA SER B 296 12.79 21.15 -2.27
C SER B 296 11.80 20.41 -1.38
N TYR B 297 11.91 19.07 -1.36
CA TYR B 297 11.02 18.32 -0.47
C TYR B 297 11.29 18.64 0.99
N VAL B 298 12.53 18.95 1.35
CA VAL B 298 12.83 19.36 2.73
C VAL B 298 12.10 20.66 3.06
N ALA B 299 12.22 21.66 2.19
CA ALA B 299 11.55 22.94 2.41
C ALA B 299 10.04 22.75 2.63
N LEU B 300 9.37 22.03 1.73
CA LEU B 300 7.92 21.92 1.78
C LEU B 300 7.46 21.06 2.95
N GLU B 301 8.18 19.98 3.25
CA GLU B 301 7.79 19.14 4.39
C GLU B 301 7.87 19.94 5.69
N CYS B 302 8.94 20.73 5.87
CA CYS B 302 9.09 21.51 7.10
C CYS B 302 8.05 22.61 7.22
N ALA B 303 7.83 23.38 6.15
CA ALA B 303 6.80 24.40 6.19
C ALA B 303 5.44 23.80 6.48
N GLY B 304 5.18 22.60 5.92
CA GLY B 304 3.88 21.97 6.08
C GLY B 304 3.54 21.62 7.52
N PHE B 305 4.45 20.95 8.23
CA PHE B 305 4.09 20.63 9.60
C PHE B 305 4.13 21.87 10.48
N LEU B 306 5.00 22.85 10.21
CA LEU B 306 4.99 24.06 11.04
C LEU B 306 3.64 24.78 10.94
N ALA B 307 3.05 24.82 9.74
CA ALA B 307 1.73 25.44 9.59
C ALA B 307 0.65 24.65 10.32
N SER B 308 0.75 23.32 10.31
CA SER B 308 -0.27 22.48 10.92
C SER B 308 -0.23 22.53 12.44
N LEU B 309 0.94 22.77 13.02
CA LEU B 309 1.03 22.98 14.46
C LEU B 309 0.47 24.33 14.87
N GLY B 310 0.11 25.20 13.91
CA GLY B 310 -0.42 26.51 14.20
C GLY B 310 0.52 27.66 13.95
N GLY B 311 1.64 27.43 13.25
CA GLY B 311 2.58 28.48 12.99
C GLY B 311 2.17 29.38 11.85
N ASP B 312 2.77 30.57 11.84
CA ASP B 312 2.62 31.55 10.77
C ASP B 312 3.82 31.37 9.85
N VAL B 313 3.60 30.77 8.69
CA VAL B 313 4.67 30.21 7.88
C VAL B 313 4.58 30.75 6.45
N THR B 314 5.73 31.17 5.92
CA THR B 314 5.86 31.64 4.54
C THR B 314 6.98 30.88 3.86
N VAL B 315 6.80 30.55 2.57
CA VAL B 315 7.83 29.90 1.75
C VAL B 315 8.24 30.83 0.61
N MET B 316 9.54 31.07 0.48
CA MET B 316 10.08 31.91 -0.60
C MET B 316 10.64 31.01 -1.70
N VAL B 317 10.03 31.08 -2.89
CA VAL B 317 10.31 30.16 -4.00
C VAL B 317 10.99 30.93 -5.13
N ARG B 318 12.18 30.48 -5.53
CA ARG B 318 12.93 31.17 -6.58
C ARG B 318 12.23 31.03 -7.93
N SER B 319 11.89 29.80 -8.32
CA SER B 319 11.22 29.53 -9.59
C SER B 319 10.05 28.54 -9.43
N ILE B 320 10.34 27.25 -9.29
CA ILE B 320 9.29 26.22 -9.23
C ILE B 320 9.44 25.39 -7.96
N LEU B 321 8.37 24.63 -7.67
CA LEU B 321 8.36 23.62 -6.61
C LEU B 321 8.89 22.28 -7.10
N LEU B 322 9.71 21.63 -6.27
CA LEU B 322 10.08 20.22 -6.45
C LEU B 322 10.70 19.96 -7.82
N ARG B 323 11.71 20.76 -8.17
CA ARG B 323 12.40 20.55 -9.44
C ARG B 323 12.90 19.12 -9.56
N GLY B 324 12.65 18.49 -10.71
CA GLY B 324 12.99 17.11 -10.92
C GLY B 324 11.88 16.11 -10.67
N PHE B 325 10.82 16.51 -9.96
CA PHE B 325 9.60 15.71 -9.82
C PHE B 325 8.57 16.11 -10.88
N ASP B 326 7.60 15.21 -11.11
CA ASP B 326 6.47 15.48 -12.00
C ASP B 326 5.81 16.81 -11.65
N GLN B 327 5.82 17.75 -12.61
CA GLN B 327 5.44 19.11 -12.27
C GLN B 327 3.93 19.29 -12.11
N GLN B 328 3.10 18.48 -12.79
CA GLN B 328 1.66 18.53 -12.49
C GLN B 328 1.42 18.18 -11.03
N MET B 329 1.98 17.04 -10.58
CA MET B 329 1.86 16.64 -9.18
C MET B 329 2.46 17.68 -8.23
N ALA B 330 3.63 18.22 -8.55
CA ALA B 330 4.23 19.23 -7.67
C ALA B 330 3.31 20.42 -7.48
N GLU B 331 2.65 20.87 -8.55
CA GLU B 331 1.71 21.98 -8.45
C GLU B 331 0.49 21.63 -7.60
N LYS B 332 -0.01 20.38 -7.71
CA LYS B 332 -1.15 19.99 -6.87
C LYS B 332 -0.75 19.99 -5.38
N VAL B 333 0.46 19.52 -5.08
CA VAL B 333 0.99 19.56 -3.72
C VAL B 333 0.98 20.99 -3.18
N GLY B 334 1.53 21.94 -3.96
CA GLY B 334 1.64 23.31 -3.48
C GLY B 334 0.29 24.00 -3.35
N ASP B 335 -0.63 23.74 -4.30
CA ASP B 335 -1.97 24.30 -4.22
C ASP B 335 -2.69 23.86 -2.95
N TYR B 336 -2.54 22.58 -2.57
CA TYR B 336 -3.15 22.13 -1.33
C TYR B 336 -2.56 22.89 -0.13
N MET B 337 -1.24 23.05 -0.10
CA MET B 337 -0.63 23.75 1.04
C MET B 337 -1.10 25.20 1.11
N GLU B 338 -1.19 25.88 -0.04
CA GLU B 338 -1.60 27.28 -0.06
C GLU B 338 -3.05 27.44 0.39
N ASN B 339 -3.91 26.47 0.10
CA ASN B 339 -5.29 26.52 0.56
C ASN B 339 -5.43 26.18 2.03
N HIS B 340 -4.43 25.52 2.62
CA HIS B 340 -4.48 25.09 4.02
C HIS B 340 -3.41 25.76 4.87
N GLY B 341 -3.17 27.05 4.63
CA GLY B 341 -2.50 27.88 5.62
C GLY B 341 -1.00 28.05 5.49
N VAL B 342 -0.40 27.70 4.36
CA VAL B 342 0.99 28.06 4.06
C VAL B 342 0.96 29.19 3.04
N LYS B 343 1.59 30.32 3.36
CA LYS B 343 1.75 31.43 2.41
C LYS B 343 3.00 31.23 1.56
N PHE B 344 2.94 31.70 0.31
CA PHE B 344 4.06 31.58 -0.62
C PHE B 344 4.46 32.95 -1.17
N ALA B 345 5.76 33.26 -1.09
CA ALA B 345 6.35 34.40 -1.79
C ALA B 345 6.97 33.87 -3.09
N LYS B 346 6.22 33.98 -4.19
CA LYS B 346 6.58 33.33 -5.44
C LYS B 346 7.49 34.20 -6.29
N LEU B 347 8.36 33.54 -7.06
CA LEU B 347 9.35 34.19 -7.93
C LEU B 347 10.19 35.22 -7.19
N CYS B 348 10.83 34.77 -6.11
CA CYS B 348 11.44 35.68 -5.14
C CYS B 348 12.70 35.05 -4.54
N VAL B 349 13.75 35.86 -4.34
CA VAL B 349 15.02 35.40 -3.80
C VAL B 349 15.45 36.32 -2.66
N PRO B 350 16.25 35.87 -1.70
CA PRO B 350 16.71 36.77 -0.63
C PRO B 350 18.03 37.46 -0.98
N ASP B 351 18.21 38.66 -0.41
CA ASP B 351 19.42 39.46 -0.56
C ASP B 351 20.25 39.61 0.70
N GLU B 352 19.61 39.68 1.88
CA GLU B 352 20.34 39.82 3.13
C GLU B 352 19.38 39.51 4.28
N ILE B 353 19.95 39.01 5.38
CA ILE B 353 19.22 38.82 6.63
C ILE B 353 19.83 39.75 7.66
N LYS B 354 18.99 40.61 8.24
CA LYS B 354 19.44 41.59 9.23
C LYS B 354 18.88 41.22 10.60
N GLN B 355 19.73 41.29 11.63
CA GLN B 355 19.32 40.92 12.98
C GLN B 355 18.68 42.12 13.70
N LEU B 356 17.48 41.91 14.24
CA LEU B 356 16.81 42.95 15.02
C LEU B 356 16.79 42.66 16.51
N LYS B 357 16.79 41.38 16.88
CA LYS B 357 16.75 40.93 18.26
C LYS B 357 17.53 39.62 18.32
N VAL B 358 18.43 39.50 19.31
CA VAL B 358 19.22 38.29 19.53
C VAL B 358 18.35 37.22 20.18
N VAL B 359 18.60 35.94 19.83
CA VAL B 359 17.90 34.83 20.46
C VAL B 359 18.06 34.89 21.98
N ASP B 360 16.95 34.76 22.71
CA ASP B 360 16.97 34.79 24.17
C ASP B 360 17.05 33.36 24.70
N THR B 361 18.29 32.87 24.87
CA THR B 361 18.52 31.52 25.37
C THR B 361 17.90 31.32 26.76
N GLU B 362 17.99 32.34 27.61
CA GLU B 362 17.56 32.21 29.00
C GLU B 362 16.06 31.92 29.08
N ASN B 363 15.23 32.83 28.56
CA ASN B 363 13.77 32.70 28.58
C ASN B 363 13.23 31.84 27.44
N ASN B 364 14.10 31.23 26.65
CA ASN B 364 13.72 30.23 25.66
C ASN B 364 12.73 30.80 24.64
N LYS B 365 13.16 31.88 23.98
CA LYS B 365 12.42 32.62 22.97
C LYS B 365 13.29 32.84 21.76
N PRO B 366 12.71 32.89 20.55
CA PRO B 366 13.49 33.21 19.36
C PRO B 366 13.85 34.69 19.31
N GLY B 367 14.71 35.03 18.35
CA GLY B 367 15.05 36.42 18.10
C GLY B 367 14.07 37.09 17.18
N LEU B 368 14.55 38.07 16.41
CA LEU B 368 13.75 38.72 15.37
C LEU B 368 14.69 39.16 14.26
N LEU B 369 14.26 38.95 13.00
CA LEU B 369 15.08 39.18 11.83
C LEU B 369 14.31 40.00 10.81
N LEU B 370 15.03 40.78 10.00
CA LEU B 370 14.46 41.48 8.86
C LEU B 370 15.04 40.87 7.58
N VAL B 371 14.16 40.34 6.73
CA VAL B 371 14.58 39.71 5.48
C VAL B 371 14.32 40.68 4.35
N LYS B 372 15.35 40.95 3.56
CA LYS B 372 15.30 41.82 2.40
C LYS B 372 15.55 40.97 1.15
N GLY B 373 14.71 41.13 0.14
CA GLY B 373 14.86 40.38 -1.09
C GLY B 373 14.20 41.11 -2.23
N HIS B 374 14.12 40.43 -3.38
CA HIS B 374 13.47 41.02 -4.53
C HIS B 374 12.81 39.97 -5.40
N TYR B 375 11.72 40.36 -6.06
CA TYR B 375 10.98 39.53 -7.00
C TYR B 375 11.57 39.69 -8.41
N THR B 376 11.20 38.78 -9.32
CA THR B 376 11.75 38.84 -10.68
C THR B 376 11.21 40.04 -11.45
N ASP B 377 10.03 40.54 -11.10
CA ASP B 377 9.53 41.78 -11.69
C ASP B 377 10.17 43.04 -11.09
N GLY B 378 11.18 42.89 -10.24
CA GLY B 378 11.92 44.01 -9.73
C GLY B 378 11.42 44.58 -8.42
N LYS B 379 10.18 44.29 -8.00
CA LYS B 379 9.74 44.84 -6.73
C LYS B 379 10.52 44.22 -5.56
N LYS B 380 10.54 44.95 -4.46
CA LYS B 380 11.30 44.58 -3.28
C LYS B 380 10.45 43.76 -2.31
N PHE B 381 11.11 42.86 -1.58
CA PHE B 381 10.52 42.08 -0.50
C PHE B 381 11.12 42.57 0.82
N GLU B 382 10.28 42.89 1.79
CA GLU B 382 10.79 43.26 3.11
C GLU B 382 9.75 42.92 4.16
N GLU B 383 10.12 42.00 5.06
CA GLU B 383 9.21 41.50 6.08
C GLU B 383 10.02 40.95 7.24
N GLU B 384 9.45 41.05 8.45
CA GLU B 384 10.07 40.57 9.67
C GLU B 384 9.61 39.15 10.01
N PHE B 385 10.55 38.32 10.50
CA PHE B 385 10.30 36.94 10.91
C PHE B 385 11.06 36.65 12.20
N GLU B 386 10.52 35.76 13.02
CA GLU B 386 11.29 35.33 14.18
C GLU B 386 12.34 34.28 13.84
N THR B 387 12.06 33.39 12.87
CA THR B 387 12.97 32.32 12.47
C THR B 387 13.06 32.28 10.95
N VAL B 388 14.27 32.08 10.41
CA VAL B 388 14.50 31.94 8.96
C VAL B 388 15.25 30.63 8.73
N ILE B 389 14.65 29.72 7.94
CA ILE B 389 15.19 28.39 7.70
C ILE B 389 15.63 28.29 6.24
N PHE B 390 16.89 27.93 6.02
CA PHE B 390 17.39 27.69 4.67
C PHE B 390 17.28 26.21 4.30
N ALA B 391 16.62 25.93 3.16
CA ALA B 391 16.54 24.58 2.58
C ALA B 391 16.82 24.72 1.08
N VAL B 392 18.09 24.96 0.74
CA VAL B 392 18.53 25.27 -0.61
C VAL B 392 19.54 24.24 -1.11
N GLY B 393 19.38 22.99 -0.69
CA GLY B 393 20.20 21.90 -1.17
C GLY B 393 21.23 21.46 -0.13
N ARG B 394 21.89 20.35 -0.44
CA ARG B 394 22.88 19.71 0.42
C ARG B 394 24.10 19.36 -0.43
N GLU B 395 25.25 19.20 0.22
CA GLU B 395 26.46 18.87 -0.54
C GLU B 395 27.46 18.12 0.33
N PRO B 396 28.31 17.28 -0.26
CA PRO B 396 29.37 16.65 0.50
C PRO B 396 30.57 17.58 0.62
N GLN B 397 31.46 17.24 1.54
CA GLN B 397 32.73 17.98 1.68
C GLN B 397 33.85 16.97 1.72
N LEU B 398 34.08 16.32 0.57
CA LEU B 398 35.06 15.24 0.52
C LEU B 398 36.49 15.75 0.60
N SER B 399 36.71 17.04 0.33
CA SER B 399 38.05 17.60 0.53
C SER B 399 38.51 17.44 1.97
N LYS B 400 37.58 17.39 2.92
CA LYS B 400 37.95 17.10 4.30
C LYS B 400 38.26 15.63 4.52
N VAL B 401 37.57 14.75 3.79
CA VAL B 401 37.64 13.31 4.03
C VAL B 401 38.79 12.66 3.25
N LEU B 402 39.17 13.25 2.12
CA LEU B 402 39.97 12.59 1.09
C LEU B 402 41.17 13.45 0.74
N CYS B 403 42.38 12.94 0.97
CA CYS B 403 43.55 13.61 0.43
C CYS B 403 43.62 13.41 -1.08
N GLU B 404 43.82 14.51 -1.81
CA GLU B 404 43.92 14.49 -3.27
C GLU B 404 44.91 13.46 -3.79
N THR B 405 45.99 13.21 -3.04
CA THR B 405 47.05 12.34 -3.56
C THR B 405 46.64 10.87 -3.58
N VAL B 406 45.58 10.48 -2.84
CA VAL B 406 45.14 9.09 -2.85
C VAL B 406 44.67 8.68 -4.26
N GLY B 407 44.00 9.58 -4.96
CA GLY B 407 43.60 9.32 -6.32
C GLY B 407 42.15 8.91 -6.55
N VAL B 408 41.25 9.25 -5.64
CA VAL B 408 39.82 8.95 -5.79
C VAL B 408 39.15 10.05 -6.60
N LYS B 409 38.62 9.69 -7.78
CA LYS B 409 38.02 10.66 -8.69
C LYS B 409 36.65 11.14 -8.21
N LEU B 410 36.43 12.46 -8.28
CA LEU B 410 35.15 13.12 -8.00
C LEU B 410 34.58 13.71 -9.30
N ASP B 411 33.28 14.04 -9.27
CA ASP B 411 32.66 14.70 -10.43
C ASP B 411 32.60 16.21 -10.18
N LYS B 412 31.92 16.93 -11.07
CA LYS B 412 31.87 18.39 -10.96
C LYS B 412 31.15 18.83 -9.68
N ASN B 413 30.21 18.02 -9.18
CA ASN B 413 29.50 18.32 -7.94
C ASN B 413 30.25 17.90 -6.69
N GLY B 414 31.36 17.18 -6.81
CA GLY B 414 32.09 16.71 -5.66
C GLY B 414 31.68 15.38 -5.09
N ARG B 415 30.90 14.58 -5.83
CA ARG B 415 30.53 13.23 -5.43
C ARG B 415 31.49 12.23 -6.08
N VAL B 416 31.53 11.01 -5.54
CA VAL B 416 32.52 10.01 -5.97
C VAL B 416 32.02 9.28 -7.22
N VAL B 417 32.90 9.14 -8.21
CA VAL B 417 32.57 8.40 -9.43
C VAL B 417 32.84 6.91 -9.19
N CYS B 418 31.80 6.09 -9.30
CA CYS B 418 31.89 4.67 -8.95
C CYS B 418 31.46 3.79 -10.12
N THR B 419 31.94 2.54 -10.11
CA THR B 419 31.42 1.48 -10.97
C THR B 419 30.06 0.98 -10.44
N ASP B 420 29.43 0.05 -11.17
CA ASP B 420 28.12 -0.46 -10.74
C ASP B 420 28.19 -1.41 -9.56
N ASP B 421 29.39 -1.66 -9.03
CA ASP B 421 29.58 -2.38 -7.78
C ASP B 421 30.21 -1.49 -6.70
N GLU B 422 30.05 -0.16 -6.83
CA GLU B 422 30.47 0.86 -5.87
C GLU B 422 31.98 1.06 -5.76
N GLN B 423 32.79 0.46 -6.64
CA GLN B 423 34.24 0.64 -6.58
C GLN B 423 34.64 2.03 -7.07
N THR B 424 35.57 2.68 -6.37
CA THR B 424 36.09 3.98 -6.80
C THR B 424 37.22 3.74 -7.81
N THR B 425 37.93 4.82 -8.19
CA THR B 425 39.11 4.67 -9.05
C THR B 425 40.31 4.08 -8.29
N VAL B 426 40.22 3.90 -6.98
CA VAL B 426 41.23 3.21 -6.20
C VAL B 426 40.63 1.89 -5.77
N SER B 427 41.30 0.78 -6.12
CA SER B 427 40.61 -0.50 -6.30
C SER B 427 40.08 -1.12 -5.01
N ASN B 428 40.69 -0.80 -3.86
CA ASN B 428 40.24 -1.30 -2.57
C ASN B 428 39.29 -0.33 -1.86
N VAL B 429 38.91 0.78 -2.50
CA VAL B 429 38.13 1.85 -1.88
C VAL B 429 36.78 1.92 -2.60
N TYR B 430 35.70 1.94 -1.80
CA TYR B 430 34.31 1.93 -2.29
C TYR B 430 33.58 3.11 -1.69
N ALA B 431 32.47 3.54 -2.34
CA ALA B 431 31.64 4.61 -1.79
C ALA B 431 30.16 4.22 -1.90
N ILE B 432 29.38 4.54 -0.86
CA ILE B 432 27.95 4.21 -0.80
C ILE B 432 27.16 5.40 -0.27
N GLY B 433 25.85 5.41 -0.54
CA GLY B 433 24.99 6.45 0.00
C GLY B 433 24.97 7.72 -0.82
N ASP B 434 24.75 8.85 -0.15
CA ASP B 434 24.50 10.13 -0.83
C ASP B 434 25.72 10.62 -1.62
N ILE B 435 26.93 10.19 -1.27
CA ILE B 435 28.14 10.65 -1.97
C ILE B 435 28.45 9.84 -3.22
N ASN B 436 27.69 8.79 -3.51
CA ASN B 436 27.89 8.01 -4.73
C ASN B 436 27.19 8.75 -5.87
N ALA B 437 27.97 9.28 -6.82
CA ALA B 437 27.44 10.18 -7.84
C ALA B 437 26.36 9.51 -8.69
N GLY B 438 25.30 10.27 -8.98
CA GLY B 438 24.25 9.81 -9.88
C GLY B 438 23.19 8.92 -9.27
N LYS B 439 23.34 8.49 -7.94
CA LYS B 439 22.39 7.54 -7.36
C LYS B 439 21.28 8.27 -6.61
N PRO B 440 20.10 7.66 -6.47
CA PRO B 440 19.04 8.27 -5.65
C PRO B 440 19.51 8.45 -4.22
N GLN B 441 19.26 9.63 -3.66
CA GLN B 441 19.78 9.94 -2.33
C GLN B 441 18.69 9.63 -1.29
N LEU B 442 18.64 8.36 -0.90
CA LEU B 442 17.58 7.88 -0.02
C LEU B 442 18.14 6.85 0.96
N THR B 443 17.56 6.82 2.17
CA THR B 443 18.06 5.91 3.21
C THR B 443 17.96 4.43 2.85
N PRO B 444 16.84 3.90 2.33
CA PRO B 444 16.84 2.46 1.99
C PRO B 444 17.77 2.11 0.82
N VAL B 445 18.06 3.04 -0.09
CA VAL B 445 19.09 2.79 -1.12
C VAL B 445 20.47 2.62 -0.47
N ALA B 446 20.82 3.52 0.47
CA ALA B 446 22.11 3.45 1.14
C ALA B 446 22.29 2.14 1.92
N ILE B 447 21.22 1.68 2.60
CA ILE B 447 21.27 0.44 3.37
C ILE B 447 21.44 -0.79 2.46
N GLN B 448 20.69 -0.86 1.36
CA GLN B 448 20.82 -1.98 0.43
C GLN B 448 22.22 -2.01 -0.20
N ALA B 449 22.72 -0.85 -0.65
CA ALA B 449 24.06 -0.79 -1.22
C ALA B 449 25.11 -1.30 -0.24
N GLY B 450 25.01 -0.86 1.03
CA GLY B 450 26.01 -1.22 2.01
C GLY B 450 26.00 -2.69 2.37
N ARG B 451 24.80 -3.25 2.60
CA ARG B 451 24.69 -4.67 2.91
C ARG B 451 25.11 -5.54 1.74
N TYR B 452 24.66 -5.22 0.52
CA TYR B 452 25.03 -6.02 -0.64
C TYR B 452 26.54 -5.94 -0.92
N LEU B 453 27.15 -4.77 -0.69
CA LEU B 453 28.59 -4.65 -0.93
C LEU B 453 29.38 -5.49 0.05
N ALA B 454 29.00 -5.46 1.34
CA ALA B 454 29.67 -6.28 2.34
C ALA B 454 29.63 -7.76 1.98
N ARG B 455 28.50 -8.23 1.44
CA ARG B 455 28.39 -9.63 1.07
C ARG B 455 29.29 -9.98 -0.11
N ARG B 456 29.46 -9.06 -1.06
CA ARG B 456 30.35 -9.35 -2.17
C ARG B 456 31.81 -9.38 -1.71
N LEU B 457 32.18 -8.49 -0.79
CA LEU B 457 33.57 -8.44 -0.32
C LEU B 457 33.92 -9.66 0.53
N PHE B 458 33.04 -10.07 1.42
CA PHE B 458 33.44 -11.01 2.47
C PHE B 458 32.70 -12.34 2.46
N ALA B 459 31.72 -12.53 1.57
CA ALA B 459 31.00 -13.80 1.53
C ALA B 459 30.91 -14.39 0.12
N GLY B 460 31.60 -13.82 -0.86
CA GLY B 460 31.54 -14.34 -2.21
C GLY B 460 30.21 -14.17 -2.89
N ALA B 461 29.44 -13.15 -2.50
CA ALA B 461 28.20 -12.87 -3.21
C ALA B 461 28.49 -12.18 -4.53
N THR B 462 27.51 -12.22 -5.44
CA THR B 462 27.60 -11.52 -6.72
C THR B 462 26.48 -10.52 -6.98
N GLU B 463 25.39 -10.54 -6.20
CA GLU B 463 24.26 -9.63 -6.43
C GLU B 463 24.67 -8.17 -6.36
N LEU B 464 24.25 -7.38 -7.35
CA LEU B 464 24.42 -5.93 -7.35
C LEU B 464 23.15 -5.25 -6.84
N THR B 465 23.31 -4.01 -6.36
CA THR B 465 22.16 -3.17 -6.05
C THR B 465 21.52 -2.63 -7.34
N ASP B 466 20.18 -2.68 -7.43
CA ASP B 466 19.44 -2.19 -8.58
C ASP B 466 18.92 -0.80 -8.24
N TYR B 467 19.41 0.23 -8.94
CA TYR B 467 19.06 1.60 -8.61
C TYR B 467 17.93 2.16 -9.46
N SER B 468 17.29 1.34 -10.28
CA SER B 468 16.24 1.83 -11.19
C SER B 468 14.85 1.72 -10.58
N ASN B 469 13.97 2.65 -10.96
CA ASN B 469 12.57 2.67 -10.54
C ASN B 469 12.40 2.57 -9.03
N VAL B 470 13.24 3.30 -8.28
CA VAL B 470 13.15 3.33 -6.82
C VAL B 470 12.02 4.29 -6.41
N ALA B 471 11.06 3.79 -5.63
CA ALA B 471 9.90 4.59 -5.26
C ALA B 471 10.25 5.62 -4.18
N THR B 472 9.43 6.69 -4.09
CA THR B 472 9.67 7.80 -3.17
C THR B 472 8.35 8.28 -2.56
N THR B 473 8.43 9.00 -1.44
CA THR B 473 7.26 9.71 -0.95
C THR B 473 7.68 11.04 -0.32
N VAL B 474 6.98 12.10 -0.69
CA VAL B 474 7.13 13.41 -0.09
C VAL B 474 6.03 13.56 0.96
N PHE B 475 6.41 13.78 2.22
CA PHE B 475 5.46 13.84 3.34
C PHE B 475 5.01 15.28 3.63
N THR B 476 4.48 15.94 2.60
CA THR B 476 3.75 17.20 2.74
C THR B 476 2.40 16.95 3.40
N PRO B 477 1.67 18.02 3.82
CA PRO B 477 0.37 17.82 4.50
C PRO B 477 -0.58 16.85 3.81
N LEU B 478 -0.72 16.96 2.49
CA LEU B 478 -1.23 15.88 1.64
C LEU B 478 -0.03 15.22 0.97
N GLU B 479 0.19 13.94 1.26
CA GLU B 479 1.39 13.21 0.83
C GLU B 479 1.38 12.87 -0.67
N TYR B 480 2.58 12.76 -1.26
CA TYR B 480 2.75 12.48 -2.70
C TYR B 480 3.73 11.32 -2.87
N GLY B 481 3.25 10.18 -3.36
CA GLY B 481 4.08 9.02 -3.63
C GLY B 481 4.26 8.84 -5.12
N ALA B 482 5.45 8.36 -5.52
CA ALA B 482 5.74 8.15 -6.94
C ALA B 482 6.70 6.96 -7.13
N CYS B 483 6.57 6.29 -8.28
CA CYS B 483 7.52 5.27 -8.71
C CYS B 483 7.66 5.32 -10.22
N GLY B 484 8.88 5.52 -10.73
CA GLY B 484 9.13 5.57 -12.16
C GLY B 484 9.22 6.99 -12.71
N LEU B 485 8.94 7.12 -14.01
CA LEU B 485 9.10 8.40 -14.71
C LEU B 485 7.95 9.36 -14.45
N SER B 486 8.28 10.66 -14.39
CA SER B 486 7.29 11.73 -14.53
C SER B 486 6.67 11.68 -15.92
N GLU B 487 5.50 12.32 -16.07
CA GLU B 487 4.86 12.37 -17.38
C GLU B 487 5.74 13.10 -18.40
N GLU B 488 6.36 14.22 -17.99
CA GLU B 488 7.14 14.98 -18.95
C GLU B 488 8.39 14.20 -19.38
N ASP B 489 9.02 13.45 -18.47
CA ASP B 489 10.20 12.67 -18.86
C ASP B 489 9.83 11.54 -19.84
N ALA B 490 8.68 10.90 -19.64
CA ALA B 490 8.27 9.84 -20.54
C ALA B 490 7.98 10.39 -21.94
N ILE B 491 7.28 11.52 -22.00
CA ILE B 491 6.97 12.14 -23.29
C ILE B 491 8.26 12.55 -24.00
N GLU B 492 9.22 13.11 -23.26
CA GLU B 492 10.51 13.43 -23.87
C GLU B 492 11.20 12.18 -24.41
N LYS B 493 11.25 11.10 -23.60
CA LYS B 493 11.95 9.89 -24.01
C LYS B 493 11.33 9.21 -25.22
N TYR B 494 9.99 9.11 -25.28
CA TYR B 494 9.32 8.26 -26.26
C TYR B 494 8.43 9.00 -27.26
N GLY B 495 8.10 10.26 -27.02
CA GLY B 495 7.22 11.05 -27.88
C GLY B 495 5.76 11.01 -27.43
N ASP B 496 5.06 12.12 -27.68
CA ASP B 496 3.70 12.24 -27.14
C ASP B 496 2.75 11.19 -27.72
N LYS B 497 2.95 10.76 -28.98
CA LYS B 497 2.00 9.82 -29.56
C LYS B 497 2.16 8.39 -29.04
N ASP B 498 3.28 8.07 -28.41
CA ASP B 498 3.52 6.75 -27.83
C ASP B 498 3.21 6.69 -26.33
N ILE B 499 2.66 7.75 -25.74
CA ILE B 499 2.37 7.80 -24.30
C ILE B 499 0.85 7.90 -24.11
N GLU B 500 0.32 7.08 -23.21
CA GLU B 500 -1.08 7.14 -22.77
C GLU B 500 -1.11 7.31 -21.26
N VAL B 501 -1.92 8.25 -20.76
CA VAL B 501 -2.04 8.54 -19.33
C VAL B 501 -3.47 8.30 -18.87
N TYR B 502 -3.65 7.36 -17.94
CA TYR B 502 -4.92 7.10 -17.28
C TYR B 502 -4.91 7.83 -15.94
N HIS B 503 -6.01 8.52 -15.59
CA HIS B 503 -5.99 9.32 -14.37
C HIS B 503 -7.39 9.42 -13.77
N SER B 504 -7.45 9.80 -12.49
CA SER B 504 -8.72 9.96 -11.78
C SER B 504 -8.50 10.75 -10.49
N ASN B 505 -9.44 11.63 -10.15
CA ASN B 505 -9.57 12.12 -8.79
C ASN B 505 -10.16 11.02 -7.90
N PHE B 506 -10.07 11.21 -6.58
CA PHE B 506 -10.75 10.34 -5.62
C PHE B 506 -10.97 11.09 -4.30
N LYS B 507 -11.84 10.52 -3.46
CA LYS B 507 -12.12 11.07 -2.12
C LYS B 507 -11.99 9.91 -1.15
N PRO B 508 -11.10 9.99 -0.15
CA PRO B 508 -11.05 8.94 0.87
C PRO B 508 -12.39 8.86 1.59
N LEU B 509 -12.84 7.63 1.88
CA LEU B 509 -14.10 7.46 2.60
C LEU B 509 -14.08 8.22 3.94
N GLU B 510 -12.92 8.25 4.60
CA GLU B 510 -12.76 8.96 5.87
C GLU B 510 -13.04 10.46 5.75
N TRP B 511 -12.98 11.02 4.54
CA TRP B 511 -13.20 12.44 4.34
C TRP B 511 -14.67 12.80 4.13
N THR B 512 -15.55 11.80 3.98
CA THR B 512 -16.95 12.10 3.65
C THR B 512 -17.66 12.74 4.85
N VAL B 513 -17.73 12.00 5.96
CA VAL B 513 -18.34 12.49 7.20
C VAL B 513 -17.59 13.71 7.75
N ALA B 514 -16.27 13.81 7.52
CA ALA B 514 -15.49 14.95 8.01
C ALA B 514 -15.64 16.20 7.15
N HIS B 515 -16.38 16.12 6.04
CA HIS B 515 -16.62 17.24 5.13
C HIS B 515 -15.35 17.80 4.50
N GLU B 517 -12.50 17.91 1.17
CA GLU B 517 -12.69 18.26 -0.25
C GLU B 517 -12.94 17.04 -1.16
N ASP B 518 -13.76 17.25 -2.20
CA ASP B 518 -14.21 16.17 -3.09
C ASP B 518 -13.16 15.76 -4.11
N ASN B 519 -12.44 16.72 -4.68
CA ASN B 519 -11.59 16.46 -5.85
C ASN B 519 -10.20 17.08 -5.69
N VAL B 520 -9.49 16.77 -4.61
CA VAL B 520 -8.09 17.17 -4.49
C VAL B 520 -7.15 15.98 -4.57
N CYS B 521 -7.52 14.84 -4.00
CA CYS B 521 -6.72 13.64 -4.16
C CYS B 521 -6.78 13.20 -5.63
N TYR B 522 -5.67 12.65 -6.13
CA TYR B 522 -5.48 12.45 -7.57
C TYR B 522 -4.44 11.37 -7.83
N MET B 523 -4.64 10.55 -8.86
CA MET B 523 -3.64 9.55 -9.22
C MET B 523 -3.62 9.34 -10.73
N LYS B 524 -2.48 8.85 -11.23
CA LYS B 524 -2.29 8.64 -12.65
C LYS B 524 -1.27 7.54 -12.91
N LEU B 525 -1.45 6.85 -14.05
CA LEU B 525 -0.49 5.90 -14.60
C LEU B 525 -0.05 6.40 -15.97
N VAL B 526 1.25 6.59 -16.13
CA VAL B 526 1.86 7.01 -17.39
C VAL B 526 2.35 5.76 -18.11
N CYS B 527 1.81 5.48 -19.32
CA CYS B 527 2.02 4.19 -19.99
C CYS B 527 2.57 4.34 -21.41
N ARG B 528 3.31 3.31 -21.87
CA ARG B 528 3.91 3.29 -23.22
C ARG B 528 3.10 2.39 -24.15
N LYS B 529 2.45 3.00 -25.13
CA LYS B 529 1.50 2.28 -25.99
C LYS B 529 2.19 1.13 -26.73
N SER B 530 3.33 1.42 -27.35
CA SER B 530 3.96 0.41 -28.22
C SER B 530 4.61 -0.73 -27.44
N ASP B 531 4.65 -0.69 -26.10
CA ASP B 531 5.19 -1.81 -25.34
C ASP B 531 4.12 -2.43 -24.45
N ASN B 532 3.01 -2.90 -25.05
CA ASN B 532 1.92 -3.56 -24.34
C ASN B 532 1.33 -2.68 -23.22
N MET B 533 1.41 -1.36 -23.37
CA MET B 533 0.89 -0.40 -22.38
C MET B 533 1.63 -0.55 -21.04
N ARG B 534 2.96 -0.73 -21.11
CA ARG B 534 3.82 -0.84 -19.93
C ARG B 534 3.66 0.39 -19.04
N VAL B 535 3.59 0.16 -17.72
CA VAL B 535 3.51 1.28 -16.77
C VAL B 535 4.91 1.86 -16.59
N LEU B 536 5.13 3.06 -17.13
CA LEU B 536 6.41 3.76 -17.01
C LEU B 536 6.53 4.52 -15.69
N GLY B 537 5.42 5.03 -15.17
CA GLY B 537 5.44 5.78 -13.93
C GLY B 537 4.10 5.79 -13.22
N LEU B 538 4.11 5.73 -11.89
CA LEU B 538 2.90 5.76 -11.06
C LEU B 538 2.98 6.94 -10.10
N HIS B 539 1.85 7.64 -9.91
CA HIS B 539 1.80 8.88 -9.13
C HIS B 539 0.51 8.94 -8.31
N VAL B 540 0.60 9.22 -7.00
CA VAL B 540 -0.59 9.34 -6.15
C VAL B 540 -0.43 10.46 -5.11
N LEU B 541 -1.42 11.36 -5.07
CA LEU B 541 -1.56 12.44 -4.10
C LEU B 541 -2.73 12.12 -3.16
N GLY B 542 -2.44 11.85 -1.88
CA GLY B 542 -3.48 11.44 -0.94
C GLY B 542 -2.93 11.00 0.41
N PRO B 543 -3.82 10.65 1.36
CA PRO B 543 -3.35 10.17 2.66
C PRO B 543 -2.61 8.85 2.53
N ASN B 544 -1.63 8.63 3.42
CA ASN B 544 -0.88 7.37 3.51
C ASN B 544 -0.26 6.98 2.16
N ALA B 545 0.20 7.99 1.41
CA ALA B 545 0.70 7.75 0.05
C ALA B 545 1.91 6.81 0.03
N GLY B 546 2.73 6.79 1.09
CA GLY B 546 3.85 5.87 1.11
C GLY B 546 3.39 4.42 1.23
N GLU B 547 2.38 4.16 2.06
CA GLU B 547 1.84 2.81 2.15
C GLU B 547 1.14 2.41 0.85
N ILE B 548 0.43 3.35 0.20
CA ILE B 548 -0.21 3.03 -1.08
C ILE B 548 0.84 2.61 -2.12
N THR B 549 1.91 3.41 -2.24
CA THR B 549 2.84 3.25 -3.36
C THR B 549 3.73 2.01 -3.23
N GLN B 550 4.11 1.63 -2.02
CA GLN B 550 5.21 0.67 -1.84
C GLN B 550 4.96 -0.63 -2.60
N GLY B 551 3.77 -1.22 -2.44
CA GLY B 551 3.52 -2.52 -3.04
C GLY B 551 3.58 -2.51 -4.56
N TYR B 552 3.10 -1.42 -5.18
CA TYR B 552 3.17 -1.30 -6.63
C TYR B 552 4.62 -1.23 -7.15
N ALA B 553 5.58 -0.83 -6.32
CA ALA B 553 6.97 -0.80 -6.78
C ALA B 553 7.48 -2.20 -7.11
N VAL B 554 6.97 -3.23 -6.44
CA VAL B 554 7.32 -4.60 -6.82
C VAL B 554 6.78 -4.92 -8.21
N ALA B 555 5.54 -4.55 -8.48
CA ALA B 555 4.93 -4.86 -9.77
C ALA B 555 5.62 -4.11 -10.90
N ILE B 556 6.01 -2.84 -10.67
CA ILE B 556 6.75 -2.07 -11.68
C ILE B 556 8.14 -2.68 -11.90
N LYS B 557 8.80 -3.10 -10.82
CA LYS B 557 10.07 -3.84 -10.95
C LYS B 557 9.93 -5.03 -11.89
N MET B 558 8.81 -5.72 -11.82
CA MET B 558 8.54 -6.88 -12.67
C MET B 558 7.98 -6.54 -14.04
N GLY B 559 7.81 -5.27 -14.37
CA GLY B 559 7.34 -4.88 -15.71
C GLY B 559 5.84 -4.87 -15.89
N ALA B 560 5.11 -4.45 -14.85
CA ALA B 560 3.65 -4.41 -14.92
C ALA B 560 3.16 -3.61 -16.11
N THR B 561 2.08 -4.09 -16.73
CA THR B 561 1.34 -3.36 -17.76
C THR B 561 0.00 -2.88 -17.20
N LYS B 562 -0.68 -2.05 -18.00
CA LYS B 562 -2.04 -1.65 -17.62
C LYS B 562 -2.96 -2.85 -17.46
N ALA B 563 -2.80 -3.87 -18.32
CA ALA B 563 -3.64 -5.07 -18.20
C ALA B 563 -3.40 -5.80 -16.88
N ASP B 564 -2.17 -5.76 -16.36
CA ASP B 564 -1.95 -6.32 -15.02
C ASP B 564 -2.77 -5.59 -13.96
N PHE B 565 -2.81 -4.24 -14.01
CA PHE B 565 -3.64 -3.48 -13.06
C PHE B 565 -5.13 -3.77 -13.26
N ASP B 566 -5.57 -3.96 -14.52
CA ASP B 566 -7.00 -4.19 -14.76
C ASP B 566 -7.45 -5.55 -14.25
N ARG B 567 -6.64 -6.59 -14.46
CA ARG B 567 -7.09 -7.93 -14.06
C ARG B 567 -6.96 -8.18 -12.55
N THR B 568 -6.21 -7.36 -11.82
CA THR B 568 -6.14 -7.45 -10.36
C THR B 568 -7.38 -6.79 -9.74
N ILE B 569 -7.95 -7.42 -8.68
CA ILE B 569 -9.18 -6.92 -8.07
C ILE B 569 -8.88 -5.97 -6.90
N GLY B 570 -9.72 -4.93 -6.73
CA GLY B 570 -9.51 -3.97 -5.64
C GLY B 570 -9.86 -4.53 -4.27
N ILE B 571 -9.28 -3.92 -3.23
CA ILE B 571 -9.71 -4.09 -1.82
C ILE B 571 -10.59 -2.89 -1.44
N HIS B 572 -11.80 -3.16 -0.93
CA HIS B 572 -12.81 -2.11 -0.65
C HIS B 572 -13.17 -2.08 0.84
N PRO B 573 -13.27 -0.88 1.47
CA PRO B 573 -13.02 0.47 0.94
C PRO B 573 -11.58 0.95 1.19
N THR B 574 -10.83 1.31 0.15
CA THR B 574 -9.48 1.85 0.30
C THR B 574 -9.26 2.97 -0.70
N CYS B 575 -8.23 3.79 -0.43
CA CYS B 575 -7.80 4.74 -1.46
C CYS B 575 -7.10 4.00 -2.60
N SER B 576 -6.25 3.02 -2.26
CA SER B 576 -5.39 2.36 -3.25
C SER B 576 -6.18 1.63 -4.34
N GLU B 577 -7.39 1.14 -4.04
CA GLU B 577 -8.13 0.36 -5.03
C GLU B 577 -8.44 1.16 -6.28
N THR B 578 -8.41 2.50 -6.21
CA THR B 578 -8.72 3.31 -7.40
C THR B 578 -7.74 3.02 -8.55
N PHE B 579 -6.54 2.52 -8.26
CA PHE B 579 -5.60 2.13 -9.30
C PHE B 579 -6.07 0.92 -10.13
N THR B 580 -6.97 0.09 -9.59
CA THR B 580 -7.36 -1.16 -10.25
C THR B 580 -8.49 -0.96 -11.27
N THR B 581 -9.12 0.22 -11.33
CA THR B 581 -10.24 0.44 -12.25
C THR B 581 -10.08 1.71 -13.10
N LEU B 582 -8.87 2.25 -13.26
CA LEU B 582 -8.69 3.49 -14.02
C LEU B 582 -9.11 3.31 -15.48
N HIS B 583 -9.72 4.35 -16.05
CA HIS B 583 -10.19 4.20 -17.43
C HIS B 583 -10.20 5.50 -18.23
N VAL B 584 -10.27 6.65 -17.58
CA VAL B 584 -10.25 7.93 -18.29
C VAL B 584 -8.82 8.25 -18.74
N THR B 585 -8.64 8.51 -20.04
CA THR B 585 -7.34 8.91 -20.57
C THR B 585 -7.26 10.43 -20.72
N LYS B 586 -6.03 10.98 -20.62
CA LYS B 586 -5.88 12.42 -20.86
C LYS B 586 -6.21 12.78 -22.30
N LYS B 587 -5.87 11.92 -23.26
CA LYS B 587 -6.15 12.28 -24.64
C LYS B 587 -7.64 12.32 -24.94
N SER B 588 -8.46 11.58 -24.19
CA SER B 588 -9.90 11.63 -24.41
C SER B 588 -10.51 12.98 -24.05
N GLY B 589 -9.86 13.75 -23.18
CA GLY B 589 -10.41 15.01 -22.72
C GLY B 589 -11.53 14.90 -21.70
N VAL B 590 -11.92 13.68 -21.29
CA VAL B 590 -12.99 13.47 -20.33
C VAL B 590 -12.51 13.87 -18.93
N SER B 591 -13.40 14.49 -18.15
CA SER B 591 -13.00 15.01 -16.84
C SER B 591 -12.63 13.85 -15.91
N PRO B 592 -11.59 14.00 -15.09
CA PRO B 592 -11.26 12.97 -14.09
C PRO B 592 -11.98 13.10 -12.75
N ILE B 593 -12.91 14.05 -12.60
CA ILE B 593 -13.47 14.30 -11.26
C ILE B 593 -14.43 13.18 -10.89
N VAL B 594 -14.68 13.06 -9.59
CA VAL B 594 -15.45 11.94 -9.05
C VAL B 594 -16.92 12.06 -9.46
PA FAD C . -26.15 -7.02 -2.60
O1A FAD C . -25.21 -5.86 -2.55
O2A FAD C . -26.61 -7.66 -1.29
O5B FAD C . -27.42 -6.53 -3.44
C5B FAD C . -28.54 -7.40 -3.70
C4B FAD C . -29.77 -6.53 -3.73
O4B FAD C . -30.88 -7.26 -4.32
C3B FAD C . -30.24 -6.07 -2.35
O3B FAD C . -30.55 -4.67 -2.37
C2B FAD C . -31.47 -6.95 -2.10
O2B FAD C . -32.40 -6.37 -1.18
C1B FAD C . -32.02 -7.04 -3.52
N9A FAD C . -32.98 -8.11 -3.76
C8A FAD C . -33.05 -9.34 -3.12
N7A FAD C . -34.04 -10.10 -3.55
C5A FAD C . -34.65 -9.33 -4.53
C6A FAD C . -35.76 -9.58 -5.38
N6A FAD C . -36.46 -10.71 -5.35
N1A FAD C . -36.12 -8.59 -6.23
C2A FAD C . -35.42 -7.46 -6.26
N3A FAD C . -34.36 -7.12 -5.52
C4A FAD C . -34.02 -8.11 -4.67
N1 FAD C . -17.21 -6.50 1.01
C2 FAD C . -16.03 -5.87 0.74
O2 FAD C . -15.46 -6.00 -0.34
N3 FAD C . -15.43 -5.05 1.71
C4 FAD C . -15.94 -4.80 3.00
O4 FAD C . -15.33 -4.06 3.78
C4X FAD C . -17.20 -5.49 3.27
N5 FAD C . -17.75 -5.32 4.44
C5X FAD C . -18.96 -5.94 4.69
C6 FAD C . -19.55 -5.74 5.94
C7 FAD C . -20.77 -6.36 6.26
C7M FAD C . -21.38 -6.12 7.61
C8 FAD C . -21.39 -7.18 5.31
C8M FAD C . -22.70 -7.85 5.64
C9 FAD C . -20.80 -7.38 4.06
C9A FAD C . -19.60 -6.75 3.74
N10 FAD C . -18.95 -6.93 2.49
C10 FAD C . -17.76 -6.31 2.21
C1' FAD C . -19.55 -7.79 1.45
C2' FAD C . -20.34 -7.00 0.42
O2' FAD C . -21.40 -6.29 1.05
C3' FAD C . -20.99 -7.98 -0.58
O3' FAD C . -20.03 -8.89 -1.12
C4' FAD C . -21.73 -7.28 -1.72
O4' FAD C . -22.66 -6.32 -1.20
C5' FAD C . -22.43 -8.29 -2.59
O5' FAD C . -23.09 -7.60 -3.67
P FAD C . -24.27 -8.29 -4.45
O1P FAD C . -24.51 -7.41 -5.68
O2P FAD C . -23.92 -9.73 -4.65
O3P FAD C . -25.54 -8.19 -3.47
C10 T9Q D . -7.89 -15.65 20.89
C13 T9Q D . -10.65 -15.48 21.26
C01 T9Q D . -8.56 -22.66 18.80
C03 T9Q D . -9.57 -21.48 20.60
C04 T9Q D . -10.31 -20.16 20.96
C07 T9Q D . -11.03 -17.84 20.39
C08 T9Q D . -10.11 -16.67 20.76
C09 T9Q D . -8.72 -16.76 20.59
C11 T9Q D . -8.44 -14.47 21.38
C12 T9Q D . -9.81 -14.39 21.57
N06 T9Q D . -10.30 -19.10 20.04
O02 T9Q D . -9.10 -21.43 19.25
O05 T9Q D . -10.88 -20.07 22.07
C10 T9Q E . -11.93 -10.60 4.13
C13 T9Q E . -14.64 -10.76 3.76
C01 T9Q E . -11.62 -17.45 3.19
C03 T9Q E . -11.74 -15.53 1.85
C04 T9Q E . -12.60 -14.26 1.62
C07 T9Q E . -14.48 -12.78 2.35
C08 T9Q E . -13.86 -11.67 3.15
C09 T9Q E . -12.49 -11.58 3.32
C11 T9Q E . -12.74 -9.70 4.75
C12 T9Q E . -14.08 -9.80 4.56
N06 T9Q E . -13.64 -13.98 2.52
O02 T9Q E . -12.15 -16.16 3.07
O05 T9Q E . -12.34 -13.52 0.67
PA FAD F . 24.53 9.98 6.48
O1A FAD F . 23.27 9.35 7.00
O2A FAD F . 24.45 11.50 6.31
O5B FAD F . 25.74 9.51 7.42
C5B FAD F . 27.09 9.98 7.22
C4B FAD F . 27.74 10.14 8.56
O4B FAD F . 29.18 10.29 8.41
C3B FAD F . 27.27 11.35 9.37
O3B FAD F . 27.11 11.01 10.74
C2B FAD F . 28.44 12.34 9.20
O2B FAD F . 28.52 13.27 10.29
C1B FAD F . 29.60 11.37 9.23
N9A FAD F . 30.89 11.89 8.75
C8A FAD F . 31.09 12.86 7.80
N7A FAD F . 32.36 13.13 7.58
C5A FAD F . 33.03 12.26 8.45
C6A FAD F . 34.40 12.05 8.70
N6A FAD F . 35.39 12.70 8.06
N1A FAD F . 34.73 11.11 9.61
C2A FAD F . 33.75 10.45 10.24
N3A FAD F . 32.43 10.57 10.08
C4A FAD F . 32.13 11.49 9.17
N1 FAD F . 15.55 9.67 2.95
C2 FAD F . 14.50 8.78 2.86
O2 FAD F . 14.64 7.68 2.28
N3 FAD F . 13.26 9.11 3.40
C4 FAD F . 12.95 10.32 4.06
O4 FAD F . 11.81 10.51 4.51
C4X FAD F . 14.06 11.25 4.16
N5 FAD F . 13.86 12.40 4.77
C5X FAD F . 14.93 13.27 4.87
C6 FAD F . 14.74 14.49 5.52
C7 FAD F . 15.77 15.41 5.65
C7M FAD F . 15.52 16.72 6.36
C8 FAD F . 17.03 15.11 5.12
C8M FAD F . 18.18 16.08 5.24
C9 FAD F . 17.23 13.89 4.47
C9A FAD F . 16.20 12.97 4.35
N10 FAD F . 16.37 11.72 3.69
C10 FAD F . 15.32 10.84 3.58
C1' FAD F . 17.67 11.34 3.11
C2' FAD F . 18.50 10.46 4.05
O2' FAD F . 18.67 11.16 5.29
C3' FAD F . 19.87 10.21 3.42
O3' FAD F . 19.71 9.70 2.10
C4' FAD F . 20.76 9.26 4.23
O4' FAD F . 20.88 9.73 5.58
C5' FAD F . 22.11 9.11 3.57
O5' FAD F . 22.87 8.11 4.27
P FAD F . 24.45 8.10 4.19
O1P FAD F . 24.92 6.78 4.83
O2P FAD F . 24.86 8.31 2.77
O3P FAD F . 24.94 9.34 5.08
C10 T9Q G . 1.82 26.64 -6.66
C13 T9Q G . 3.75 27.82 -5.03
C01 T9Q G . 5.69 27.49 -12.57
C03 T9Q G . 5.16 29.04 -10.81
C04 T9Q G . 5.12 29.17 -9.26
C07 T9Q G . 5.28 28.19 -6.99
C08 T9Q G . 3.98 27.71 -6.40
C09 T9Q G . 3.01 27.13 -7.22
C11 T9Q G . 1.60 26.74 -5.29
C12 T9Q G . 2.56 27.33 -4.46
N06 T9Q G . 5.32 28.03 -8.47
O02 T9Q G . 5.62 27.73 -11.16
O05 T9Q G . 4.90 30.28 -8.74
C10 T9Q H . 15.37 12.21 -8.80
C13 T9Q H . 13.34 12.45 -6.89
C01 T9Q H . 12.12 11.91 -0.65
C03 T9Q H . 13.70 12.51 -2.26
C04 T9Q H . 14.40 11.97 -3.54
C07 T9Q H . 14.29 10.47 -5.59
C08 T9Q H . 14.29 11.43 -6.77
C09 T9Q H . 15.31 11.31 -7.74
C11 T9Q H . 14.42 13.24 -8.90
C12 T9Q H . 13.41 13.36 -7.96
N06 T9Q H . 13.70 11.05 -4.34
O02 T9Q H . 12.53 11.75 -1.96
O05 T9Q H . 15.53 12.38 -3.85
#